data_4HJH
#
_entry.id   4HJH
#
_cell.length_a   61.950
_cell.length_b   55.980
_cell.length_c   131.670
_cell.angle_alpha   90.000
_cell.angle_beta   92.180
_cell.angle_gamma   90.000
#
_symmetry.space_group_name_H-M   'P 1 21 1'
#
loop_
_entity.id
_entity.type
_entity.pdbx_description
1 polymer Phosphomannomutase
2 non-polymer 'IODIDE ION'
3 non-polymer GLUCOSE-6-PHOSPHATE
4 non-polymer 1,2-ETHANEDIOL
5 non-polymer 'MAGNESIUM ION'
6 water water
#
_entity_poly.entity_id   1
_entity_poly.type   'polypeptide(L)'
_entity_poly.pdbx_seq_one_letter_code
;GPGSMSSNSLKFGTSGLRGLAVELNGLPAYAYTMAFVQMLAAKGQLQKGDKVFVGRDLRPSSPDIAALAMGAIEDAGFTP
VNCGVLPTPALSYYAMGAKAPSIMVTG(SEP)HIPDDRNGLKFYRRDGEIDKDDEAAISAAYRKLPAILAARKHVGSTET
DAALQAYADRYAGFLGKGSLNGLRVGVYQHSSVARDLLMYLLTTLGVEPVALGRSDIFVPVDTEALRPEDIALLAQWGKS
DRLDAIVSTDGDADRPLIADEHGQFVRGDLAGAITATWVGADTLVTPVTSNTALESRFPKVLRTRVGSPYVIASMAQVST
GNSGPVIGFEANGGVLLGSTVERNGRSLTALPTRDALLPILACLATVHEKKTPLSTIARSYGFRVALSDRLQNIPQEAST
AFLALLEDADKRASLFPAGDAIVRVETIDGVKLFFQSGNAVHYRASGNAPELRCYVESSDDTQAAKLQALGLEIARKALK
DATRP
;
_entity_poly.pdbx_strand_id   A,B
#
# COMPACT_ATOMS: atom_id res chain seq x y z
N ASN A 8 -7.78 14.67 17.20
CA ASN A 8 -8.61 13.50 16.79
C ASN A 8 -9.01 13.56 15.31
N SER A 9 -9.43 14.75 14.87
CA SER A 9 -9.73 14.96 13.46
C SER A 9 -8.46 15.14 12.61
N LEU A 10 -7.33 15.40 13.28
CA LEU A 10 -6.14 15.85 12.61
C LEU A 10 -5.32 14.70 12.06
N LYS A 11 -5.10 14.69 10.74
CA LYS A 11 -4.34 13.63 10.11
C LYS A 11 -3.82 14.06 8.75
N PHE A 12 -2.81 13.34 8.28
CA PHE A 12 -2.43 13.47 6.88
C PHE A 12 -3.46 12.75 6.04
N GLY A 13 -3.45 13.03 4.76
CA GLY A 13 -4.41 12.43 3.85
C GLY A 13 -3.82 12.46 2.45
N THR A 14 -4.42 13.24 1.57
CA THR A 14 -3.97 13.26 0.20
C THR A 14 -2.71 14.09 0.15
N SER A 15 -2.79 15.32 0.62
CA SER A 15 -1.62 16.13 0.88
C SER A 15 -1.95 17.00 2.08
N GLY A 16 -0.95 17.34 2.87
CA GLY A 16 -1.09 18.19 4.03
C GLY A 16 -1.61 17.49 5.27
N LEU A 17 -1.35 18.08 6.42
CA LEU A 17 -2.03 17.77 7.68
C LEU A 17 -3.29 18.66 7.79
N ARG A 18 -4.46 18.03 7.93
CA ARG A 18 -5.73 18.78 7.96
C ARG A 18 -6.68 18.23 9.01
N GLY A 19 -7.56 19.12 9.49
CA GLY A 19 -8.70 18.76 10.31
C GLY A 19 -9.40 20.00 10.87
N LEU A 20 -10.16 19.83 11.96
CA LEU A 20 -10.95 20.92 12.50
C LEU A 20 -10.11 22.08 13.02
N ALA A 21 -10.54 23.29 12.67
CA ALA A 21 -9.82 24.50 13.03
C ALA A 21 -9.71 24.63 14.56
N VAL A 22 -10.77 24.30 15.26
CA VAL A 22 -10.80 24.40 16.72
C VAL A 22 -9.80 23.42 17.38
N GLU A 23 -9.45 22.33 16.69
CA GLU A 23 -8.45 21.39 17.22
C GLU A 23 -7.06 21.79 16.82
N LEU A 24 -6.89 22.23 15.58
CA LEU A 24 -5.59 22.65 15.10
C LEU A 24 -5.08 23.93 15.80
N ASN A 25 -6.00 24.84 16.13
CA ASN A 25 -5.65 26.10 16.73
C ASN A 25 -5.43 25.92 18.23
N GLY A 26 -4.20 25.54 18.55
CA GLY A 26 -3.80 25.22 19.90
C GLY A 26 -2.55 24.37 19.83
N LEU A 27 -2.36 23.52 20.84
CA LEU A 27 -1.15 22.71 20.96
C LEU A 27 -0.83 21.90 19.68
N PRO A 28 -1.85 21.31 19.01
CA PRO A 28 -1.51 20.52 17.82
C PRO A 28 -0.67 21.25 16.76
N ALA A 29 -1.01 22.49 16.45
CA ALA A 29 -0.26 23.25 15.40
C ALA A 29 1.19 23.45 15.84
N TYR A 30 1.38 23.72 17.12
CA TYR A 30 2.70 23.93 17.70
C TYR A 30 3.45 22.59 17.68
N ALA A 31 2.79 21.52 18.12
CA ALA A 31 3.46 20.22 18.25
C ALA A 31 3.78 19.61 16.89
N TYR A 32 2.85 19.67 15.95
CA TYR A 32 3.12 19.19 14.59
C TYR A 32 4.29 19.93 13.96
N THR A 33 4.37 21.24 14.20
CA THR A 33 5.47 22.04 13.66
C THR A 33 6.79 21.61 14.31
N MET A 34 6.77 21.43 15.62
CA MET A 34 7.93 20.88 16.32
C MET A 34 8.33 19.51 15.71
N ALA A 35 7.37 18.60 15.54
CA ALA A 35 7.69 17.30 14.96
C ALA A 35 8.42 17.49 13.60
N PHE A 36 7.89 18.36 12.77
CA PHE A 36 8.47 18.63 11.45
C PHE A 36 9.92 19.13 11.50
N VAL A 37 10.17 20.18 12.28
CA VAL A 37 11.49 20.77 12.30
C VAL A 37 12.48 19.79 12.94
N GLN A 38 12.05 19.10 14.00
CA GLN A 38 12.91 18.14 14.66
C GLN A 38 13.18 16.96 13.73
N MET A 39 12.19 16.56 12.95
CA MET A 39 12.37 15.51 11.93
C MET A 39 13.49 15.93 10.96
N LEU A 40 13.42 17.16 10.47
CA LEU A 40 14.45 17.67 9.57
C LEU A 40 15.82 17.73 10.23
N ALA A 41 15.88 18.24 11.46
CA ALA A 41 17.14 18.36 12.19
C ALA A 41 17.76 16.98 12.47
N ALA A 42 16.93 16.02 12.87
CA ALA A 42 17.38 14.65 13.11
C ALA A 42 18.04 14.07 11.86
N LYS A 43 17.44 14.34 10.71
CA LYS A 43 17.97 13.91 9.42
C LYS A 43 19.18 14.74 8.95
N GLY A 44 19.70 15.62 9.80
CA GLY A 44 20.85 16.47 9.46
C GLY A 44 20.58 17.61 8.51
N GLN A 45 19.35 17.76 8.03
CA GLN A 45 19.00 18.74 7.00
C GLN A 45 18.71 20.14 7.56
N LEU A 46 18.40 20.26 8.85
CA LEU A 46 18.17 21.59 9.44
C LEU A 46 19.14 21.80 10.59
N GLN A 47 19.87 22.91 10.55
CA GLN A 47 20.86 23.23 11.58
C GLN A 47 20.35 24.42 12.41
N LYS A 48 20.91 24.54 13.61
CA LYS A 48 20.49 25.56 14.58
C LYS A 48 20.52 26.94 13.94
N GLY A 49 19.43 27.69 14.08
CA GLY A 49 19.35 29.04 13.51
C GLY A 49 18.87 29.14 12.07
N ASP A 50 18.75 28.01 11.37
CA ASP A 50 18.28 28.04 9.99
C ASP A 50 16.86 28.64 9.87
N LYS A 51 16.57 29.30 8.75
CA LYS A 51 15.26 29.90 8.49
C LYS A 51 14.20 28.84 8.11
N VAL A 52 12.99 29.03 8.63
CA VAL A 52 11.83 28.26 8.19
C VAL A 52 10.74 29.30 7.88
N PHE A 53 10.29 29.32 6.62
CA PHE A 53 9.34 30.33 6.15
C PHE A 53 7.90 29.88 6.40
N VAL A 54 7.06 30.78 6.88
CA VAL A 54 5.66 30.48 7.17
C VAL A 54 4.76 31.42 6.39
N GLY A 55 3.74 30.87 5.75
CA GLY A 55 2.72 31.66 5.07
C GLY A 55 1.34 31.20 5.51
N ARG A 56 0.32 31.99 5.18
CA ARG A 56 -1.04 31.63 5.55
C ARG A 56 -2.09 32.12 4.57
N ASP A 57 -3.28 31.54 4.69
CA ASP A 57 -4.43 31.98 3.91
C ASP A 57 -5.33 32.89 4.75
N LEU A 58 -6.55 33.16 4.31
CA LEU A 58 -7.43 34.12 4.97
C LEU A 58 -8.53 33.48 5.83
N ARG A 59 -8.39 32.20 6.21
CA ARG A 59 -9.29 31.56 7.16
C ARG A 59 -9.17 32.25 8.53
N PRO A 60 -10.27 32.30 9.33
CA PRO A 60 -10.21 33.04 10.61
C PRO A 60 -9.13 32.57 11.58
N SER A 61 -8.86 31.27 11.59
CA SER A 61 -7.89 30.70 12.52
C SER A 61 -6.45 30.81 12.04
N SER A 62 -6.25 31.28 10.82
CA SER A 62 -4.92 31.21 10.20
C SER A 62 -3.85 32.08 10.86
N PRO A 63 -4.19 33.32 11.28
CA PRO A 63 -3.15 34.09 12.00
C PRO A 63 -2.68 33.40 13.28
N ASP A 64 -3.62 32.92 14.11
CA ASP A 64 -3.26 32.13 15.32
C ASP A 64 -2.40 30.91 15.00
N ILE A 65 -2.81 30.14 13.99
CA ILE A 65 -2.08 28.91 13.67
C ILE A 65 -0.67 29.21 13.16
N ALA A 66 -0.53 30.25 12.33
CA ALA A 66 0.79 30.70 11.87
C ALA A 66 1.66 31.10 13.05
N ALA A 67 1.07 31.83 13.99
CA ALA A 67 1.83 32.27 15.18
C ALA A 67 2.29 31.09 16.06
N LEU A 68 1.46 30.06 16.18
CA LEU A 68 1.84 28.84 16.88
C LEU A 68 2.99 28.10 16.19
N ALA A 69 2.89 27.99 14.86
CA ALA A 69 3.93 27.37 14.02
C ALA A 69 5.24 28.14 14.22
N MET A 70 5.18 29.46 14.16
CA MET A 70 6.39 30.27 14.30
C MET A 70 6.96 30.15 15.71
N GLY A 71 6.10 30.06 16.72
CA GLY A 71 6.57 29.79 18.08
C GLY A 71 7.39 28.50 18.19
N ALA A 72 6.91 27.43 17.58
CA ALA A 72 7.55 26.11 17.66
C ALA A 72 8.89 26.13 16.94
N ILE A 73 8.91 26.76 15.77
CA ILE A 73 10.14 26.95 15.00
C ILE A 73 11.24 27.63 15.86
N GLU A 74 10.87 28.73 16.50
CA GLU A 74 11.80 29.45 17.37
C GLU A 74 12.17 28.67 18.63
N ASP A 75 11.21 28.03 19.27
CA ASP A 75 11.50 27.24 20.48
C ASP A 75 12.46 26.08 20.17
N ALA A 76 12.33 25.51 18.97
CA ALA A 76 13.24 24.44 18.51
C ALA A 76 14.65 24.92 18.21
N GLY A 77 14.88 26.23 18.17
CA GLY A 77 16.21 26.80 17.91
C GLY A 77 16.42 27.26 16.48
N PHE A 78 15.35 27.39 15.71
CA PHE A 78 15.44 27.84 14.32
C PHE A 78 14.84 29.24 14.18
N THR A 79 14.90 29.79 12.98
CA THR A 79 14.44 31.17 12.76
C THR A 79 13.17 31.27 11.93
N PRO A 80 12.03 31.60 12.55
CA PRO A 80 10.79 31.77 11.80
C PRO A 80 10.80 33.02 10.93
N VAL A 81 10.34 32.90 9.69
CA VAL A 81 10.22 34.06 8.82
C VAL A 81 8.78 34.18 8.38
N ASN A 82 8.15 35.27 8.79
CA ASN A 82 6.75 35.52 8.53
C ASN A 82 6.57 36.08 7.14
N CYS A 83 5.97 35.29 6.25
CA CYS A 83 5.76 35.74 4.86
C CYS A 83 4.34 36.30 4.67
N GLY A 84 3.57 36.38 5.77
CA GLY A 84 2.23 36.96 5.71
C GLY A 84 1.23 36.07 4.92
N VAL A 85 0.36 36.75 4.18
CA VAL A 85 -0.70 36.13 3.38
C VAL A 85 -0.28 36.09 1.93
N LEU A 86 -0.20 34.88 1.36
CA LEU A 86 0.25 34.68 -0.01
C LEU A 86 -0.10 33.30 -0.53
N PRO A 87 0.00 33.11 -1.84
CA PRO A 87 -0.25 31.80 -2.38
C PRO A 87 0.75 30.74 -1.86
N THR A 88 0.24 29.52 -1.65
CA THR A 88 1.08 28.39 -1.32
C THR A 88 2.29 28.24 -2.27
N PRO A 89 2.10 28.37 -3.60
CA PRO A 89 3.23 28.28 -4.53
C PRO A 89 4.20 29.44 -4.41
N ALA A 90 3.74 30.60 -3.94
CA ALA A 90 4.63 31.73 -3.73
C ALA A 90 5.59 31.48 -2.57
N LEU A 91 5.02 31.03 -1.45
CA LEU A 91 5.81 30.65 -0.28
C LEU A 91 6.85 29.58 -0.64
N SER A 92 6.40 28.52 -1.30
CA SER A 92 7.28 27.41 -1.67
CA SER A 92 7.26 27.41 -1.69
C SER A 92 8.33 27.82 -2.71
N TYR A 93 7.94 28.60 -3.72
CA TYR A 93 8.88 29.11 -4.71
C TYR A 93 10.00 29.87 -4.00
N TYR A 94 9.62 30.75 -3.10
CA TYR A 94 10.62 31.58 -2.41
C TYR A 94 11.48 30.74 -1.46
N ALA A 95 10.85 29.91 -0.65
CA ALA A 95 11.60 29.14 0.35
C ALA A 95 12.51 28.14 -0.33
N MET A 96 12.03 27.48 -1.39
CA MET A 96 12.87 26.53 -2.13
C MET A 96 14.07 27.22 -2.80
N GLY A 97 13.83 28.42 -3.32
CA GLY A 97 14.92 29.25 -3.85
C GLY A 97 15.92 29.62 -2.78
N ALA A 98 15.48 29.76 -1.53
CA ALA A 98 16.39 30.04 -0.43
C ALA A 98 16.95 28.75 0.21
N LYS A 99 16.61 27.59 -0.36
CA LYS A 99 16.98 26.28 0.19
C LYS A 99 16.56 26.12 1.63
N ALA A 100 15.31 26.47 1.92
CA ALA A 100 14.78 26.42 3.25
C ALA A 100 13.45 25.72 3.22
N PRO A 101 13.09 25.04 4.32
CA PRO A 101 11.75 24.50 4.43
C PRO A 101 10.73 25.60 4.69
N SER A 102 9.47 25.24 4.54
CA SER A 102 8.40 26.18 4.76
C SER A 102 7.16 25.47 5.20
N ILE A 103 6.27 26.24 5.81
CA ILE A 103 4.99 25.76 6.28
C ILE A 103 3.93 26.74 5.86
N MET A 104 2.96 26.22 5.10
CA MET A 104 1.79 27.01 4.72
C MET A 104 0.62 26.60 5.58
N VAL A 105 0.01 27.61 6.19
CA VAL A 105 -1.20 27.44 6.97
C VAL A 105 -2.43 27.65 6.09
N THR A 106 -3.10 26.55 5.78
CA THR A 106 -4.27 26.58 4.93
C THR A 106 -5.01 25.25 5.00
N GLY A 107 -6.32 25.32 4.84
CA GLY A 107 -7.14 24.14 4.59
C GLY A 107 -7.41 23.92 3.09
N HIS A 109 -9.03 23.61 -0.04
CA HIS A 109 -10.40 23.61 -0.53
C HIS A 109 -11.46 23.27 0.54
N ILE A 110 -11.00 22.80 1.70
CA ILE A 110 -11.86 22.14 2.66
C ILE A 110 -12.77 23.13 3.38
N PRO A 111 -13.86 22.63 4.00
CA PRO A 111 -14.82 23.51 4.65
C PRO A 111 -14.26 24.54 5.63
N ASP A 112 -15.06 25.56 5.93
CA ASP A 112 -14.57 26.73 6.66
C ASP A 112 -14.46 26.54 8.18
N ASP A 113 -14.87 25.38 8.69
CA ASP A 113 -14.61 25.01 10.09
C ASP A 113 -13.35 24.16 10.19
N ARG A 114 -12.59 24.06 9.10
CA ARG A 114 -11.36 23.29 9.10
C ARG A 114 -10.15 24.18 8.73
N ASN A 115 -8.96 23.69 9.04
CA ASN A 115 -7.72 24.31 8.55
C ASN A 115 -6.65 23.23 8.40
N GLY A 116 -5.41 23.62 8.14
CA GLY A 116 -4.34 22.65 8.02
C GLY A 116 -2.95 23.27 7.91
N LEU A 117 -1.96 22.40 7.74
CA LEU A 117 -0.57 22.73 7.47
C LEU A 117 -0.06 21.95 6.26
N LYS A 118 0.56 22.67 5.32
CA LYS A 118 1.21 22.08 4.17
C LYS A 118 2.72 22.27 4.34
N PHE A 119 3.44 21.17 4.38
CA PHE A 119 4.86 21.16 4.72
C PHE A 119 5.72 21.05 3.47
N TYR A 120 6.79 21.83 3.45
CA TYR A 120 7.74 21.81 2.35
C TYR A 120 9.15 21.66 2.89
N ARG A 121 9.88 20.75 2.27
CA ARG A 121 11.32 20.66 2.45
C ARG A 121 11.94 21.70 1.53
N ARG A 122 13.24 21.87 1.69
CA ARG A 122 13.99 22.81 0.88
C ARG A 122 13.91 22.54 -0.61
N ASP A 123 13.64 21.29 -1.01
CA ASP A 123 13.60 20.91 -2.43
C ASP A 123 12.22 20.50 -2.93
N GLY A 124 11.21 20.64 -2.08
CA GLY A 124 9.83 20.44 -2.54
C GLY A 124 8.86 20.06 -1.45
N GLU A 125 7.66 19.70 -1.89
CA GLU A 125 6.65 19.17 -1.00
C GLU A 125 7.21 17.96 -0.25
N ILE A 126 6.75 17.77 0.99
CA ILE A 126 7.09 16.55 1.69
C ILE A 126 6.45 15.39 0.94
N ASP A 127 7.10 14.23 1.00
CA ASP A 127 6.58 13.02 0.39
C ASP A 127 5.92 12.16 1.45
N LYS A 128 5.38 11.02 1.02
CA LYS A 128 4.66 10.13 1.92
C LYS A 128 5.53 9.50 3.03
N ASP A 129 6.82 9.32 2.76
CA ASP A 129 7.77 8.91 3.80
C ASP A 129 7.91 9.98 4.88
N ASP A 130 8.06 11.23 4.42
CA ASP A 130 8.11 12.39 5.32
C ASP A 130 6.87 12.46 6.20
N GLU A 131 5.69 12.31 5.59
CA GLU A 131 4.43 12.31 6.33
C GLU A 131 4.48 11.30 7.48
N ALA A 132 4.98 10.09 7.19
CA ALA A 132 5.09 9.07 8.25
C ALA A 132 6.10 9.43 9.35
N ALA A 133 7.24 9.99 8.96
CA ALA A 133 8.25 10.40 9.92
C ALA A 133 7.77 11.55 10.80
N ILE A 134 6.98 12.47 10.24
CA ILE A 134 6.40 13.55 11.02
C ILE A 134 5.42 12.96 12.06
N SER A 135 4.52 12.10 11.59
CA SER A 135 3.52 11.48 12.49
C SER A 135 4.19 10.67 13.60
N ALA A 136 5.24 9.93 13.25
CA ALA A 136 6.01 9.21 14.26
C ALA A 136 6.67 10.15 15.27
N ALA A 137 7.29 11.22 14.79
CA ALA A 137 7.92 12.20 15.69
C ALA A 137 6.88 12.89 16.58
N TYR A 138 5.74 13.26 15.99
CA TYR A 138 4.63 13.86 16.76
C TYR A 138 4.21 12.95 17.91
N ARG A 139 4.03 11.66 17.60
CA ARG A 139 3.65 10.64 18.59
C ARG A 139 4.63 10.57 19.75
N LYS A 140 5.91 10.79 19.46
CA LYS A 140 6.95 10.64 20.48
C LYS A 140 7.26 11.93 21.23
N LEU A 141 6.56 13.03 20.94
CA LEU A 141 6.82 14.30 21.66
C LEU A 141 6.39 14.16 23.12
N PRO A 142 7.05 14.91 24.04
CA PRO A 142 6.67 14.93 25.47
C PRO A 142 5.32 15.55 25.76
N ALA A 143 4.82 15.33 26.97
CA ALA A 143 3.69 16.08 27.50
C ALA A 143 4.18 17.12 28.50
N LEU A 145 4.76 19.50 26.39
CA LEU A 145 5.17 20.62 25.55
C LEU A 145 4.41 21.90 25.94
N ALA A 146 5.11 23.04 25.85
CA ALA A 146 4.55 24.33 26.22
C ALA A 146 4.30 25.16 24.97
N ALA A 147 3.08 25.10 24.45
CA ALA A 147 2.72 25.80 23.22
C ALA A 147 2.77 27.31 23.43
N ARG A 148 3.28 28.00 22.42
CA ARG A 148 3.61 29.41 22.50
C ARG A 148 3.46 30.06 21.13
N LYS A 149 2.87 31.24 21.08
CA LYS A 149 2.72 31.96 19.83
C LYS A 149 3.90 32.90 19.66
N HIS A 150 4.22 33.15 18.39
CA HIS A 150 5.22 34.12 18.01
C HIS A 150 4.52 35.21 17.18
N VAL A 151 4.27 36.33 17.84
CA VAL A 151 3.93 37.58 17.16
C VAL A 151 5.08 38.55 17.45
N GLY A 152 5.96 38.70 16.48
CA GLY A 152 7.23 39.40 16.73
C GLY A 152 8.12 39.41 15.50
N SER A 153 7.88 38.46 14.60
CA SER A 153 8.50 38.47 13.29
C SER A 153 7.64 39.32 12.36
N THR A 154 8.11 40.54 12.11
CA THR A 154 7.50 41.46 11.14
C THR A 154 7.31 40.81 9.75
N GLU A 155 6.11 40.94 9.19
CA GLU A 155 5.80 40.44 7.84
C GLU A 155 6.76 40.96 6.77
N THR A 156 7.30 40.04 5.97
CA THR A 156 8.05 40.36 4.78
C THR A 156 7.24 40.03 3.52
N ASP A 157 7.25 40.96 2.57
CA ASP A 157 6.59 40.80 1.29
C ASP A 157 7.57 40.25 0.22
N ALA A 158 8.76 39.82 0.66
CA ALA A 158 9.78 39.35 -0.28
C ALA A 158 9.25 38.21 -1.17
N ALA A 159 8.58 37.24 -0.56
CA ALA A 159 8.10 36.05 -1.25
C ALA A 159 7.01 36.41 -2.29
N LEU A 160 6.01 37.16 -1.86
CA LEU A 160 4.99 37.64 -2.78
C LEU A 160 5.56 38.45 -3.94
N GLN A 161 6.50 39.35 -3.66
CA GLN A 161 7.14 40.13 -4.73
C GLN A 161 7.98 39.27 -5.70
N ALA A 162 8.76 38.35 -5.16
CA ALA A 162 9.52 37.44 -6.00
C ALA A 162 8.59 36.60 -6.91
N TYR A 163 7.49 36.13 -6.34
CA TYR A 163 6.50 35.37 -7.07
C TYR A 163 5.85 36.19 -8.20
N ALA A 164 5.45 37.41 -7.90
CA ALA A 164 4.92 38.33 -8.92
C ALA A 164 5.95 38.48 -10.07
N ASP A 165 7.21 38.68 -9.70
CA ASP A 165 8.23 38.94 -10.67
C ASP A 165 8.51 37.74 -11.56
N ARG A 166 8.46 36.55 -10.99
CA ARG A 166 8.50 35.28 -11.78
C ARG A 166 7.64 35.38 -13.06
N TYR A 167 6.41 35.88 -12.93
CA TYR A 167 5.49 35.90 -14.07
C TYR A 167 5.67 37.17 -14.91
N ALA A 168 5.84 38.30 -14.25
CA ALA A 168 5.98 39.57 -14.96
C ALA A 168 7.21 39.52 -15.85
N GLY A 169 8.30 39.05 -15.27
CA GLY A 169 9.56 38.94 -15.99
C GLY A 169 9.59 37.88 -17.07
N PHE A 170 8.75 36.85 -16.96
CA PHE A 170 8.70 35.78 -17.95
C PHE A 170 7.90 36.22 -19.16
N LEU A 171 6.70 36.72 -18.95
CA LEU A 171 5.87 37.15 -20.08
CA LEU A 171 5.85 37.14 -20.08
C LEU A 171 6.31 38.50 -20.61
N GLY A 172 6.80 39.36 -19.71
CA GLY A 172 7.25 40.73 -20.07
C GLY A 172 6.14 41.76 -19.83
N LYS A 173 6.55 42.96 -19.43
CA LYS A 173 5.62 44.05 -19.18
C LYS A 173 4.86 44.37 -20.46
N GLY A 174 3.54 44.56 -20.33
CA GLY A 174 2.69 44.95 -21.46
C GLY A 174 2.40 43.87 -22.52
N SER A 175 2.87 42.65 -22.28
CA SER A 175 2.82 41.58 -23.29
C SER A 175 1.41 41.06 -23.58
N LEU A 176 0.44 41.37 -22.72
CA LEU A 176 -0.97 41.00 -22.95
C LEU A 176 -1.87 42.21 -23.20
N ASN A 177 -1.29 43.31 -23.68
CA ASN A 177 -2.07 44.51 -23.91
C ASN A 177 -3.26 44.22 -24.85
N GLY A 178 -4.43 44.74 -24.51
CA GLY A 178 -5.64 44.51 -25.30
C GLY A 178 -6.67 43.65 -24.58
N LEU A 179 -6.22 42.83 -23.63
CA LEU A 179 -7.16 41.99 -22.87
C LEU A 179 -7.85 42.76 -21.75
N ARG A 180 -9.08 42.37 -21.46
CA ARG A 180 -9.84 42.88 -20.33
C ARG A 180 -10.40 41.70 -19.56
N VAL A 181 -10.02 41.59 -18.31
CA VAL A 181 -10.24 40.34 -17.58
C VAL A 181 -10.84 40.64 -16.23
N GLY A 182 -11.89 39.87 -15.87
CA GLY A 182 -12.46 39.96 -14.55
C GLY A 182 -11.60 39.18 -13.58
N VAL A 183 -11.47 39.67 -12.35
CA VAL A 183 -10.78 38.96 -11.28
C VAL A 183 -11.79 38.70 -10.17
N TYR A 184 -12.24 37.45 -10.08
CA TYR A 184 -13.17 37.06 -9.03
C TYR A 184 -12.34 36.87 -7.78
N GLN A 185 -12.46 37.84 -6.88
CA GLN A 185 -11.55 37.98 -5.74
C GLN A 185 -11.91 37.08 -4.55
N HIS A 186 -13.22 37.03 -4.25
CA HIS A 186 -13.72 36.40 -3.03
C HIS A 186 -12.71 36.55 -1.86
N SER A 187 -12.25 35.45 -1.26
CA SER A 187 -11.18 35.49 -0.25
C SER A 187 -9.89 34.80 -0.70
N SER A 188 -9.63 34.83 -2.00
CA SER A 188 -8.36 34.32 -2.56
C SER A 188 -7.16 35.14 -2.06
N VAL A 189 -6.15 34.45 -1.54
CA VAL A 189 -4.89 35.12 -1.22
C VAL A 189 -4.23 35.79 -2.42
N ALA A 190 -4.64 35.46 -3.65
CA ALA A 190 -4.12 36.13 -4.83
C ALA A 190 -5.04 37.23 -5.39
N ARG A 191 -6.08 37.60 -4.63
CA ARG A 191 -7.08 38.55 -5.11
C ARG A 191 -6.45 39.90 -5.52
N ASP A 192 -5.47 40.36 -4.76
CA ASP A 192 -4.84 41.64 -5.05
C ASP A 192 -3.67 41.49 -6.02
N LEU A 193 -2.90 40.41 -5.81
CA LEU A 193 -1.78 40.04 -6.72
C LEU A 193 -2.22 39.99 -8.18
N LEU A 194 -3.36 39.35 -8.43
CA LEU A 194 -3.87 39.25 -9.78
C LEU A 194 -4.20 40.60 -10.40
N MET A 195 -4.71 41.54 -9.60
CA MET A 195 -4.99 42.89 -10.09
C MET A 195 -3.68 43.57 -10.56
N TYR A 196 -2.68 43.61 -9.69
CA TYR A 196 -1.46 44.34 -10.04
C TYR A 196 -0.60 43.64 -11.10
N LEU A 197 -0.56 42.31 -11.06
CA LEU A 197 0.22 41.52 -12.03
C LEU A 197 -0.40 41.66 -13.45
N LEU A 198 -1.71 41.54 -13.53
CA LEU A 198 -2.40 41.73 -14.80
C LEU A 198 -2.17 43.14 -15.36
N THR A 199 -2.29 44.14 -14.48
CA THR A 199 -2.00 45.49 -14.88
C THR A 199 -0.58 45.62 -15.44
N THR A 200 0.41 45.09 -14.71
CA THR A 200 1.80 45.08 -15.23
C THR A 200 1.90 44.41 -16.62
N LEU A 201 1.14 43.34 -16.84
CA LEU A 201 1.15 42.65 -18.13
C LEU A 201 0.38 43.38 -19.26
N GLY A 202 -0.23 44.52 -18.95
CA GLY A 202 -1.00 45.29 -19.92
C GLY A 202 -2.48 44.94 -20.03
N VAL A 203 -2.93 43.97 -19.24
CA VAL A 203 -4.35 43.63 -19.15
C VAL A 203 -5.07 44.73 -18.36
N GLU A 204 -6.32 45.02 -18.71
CA GLU A 204 -7.23 45.80 -17.84
C GLU A 204 -7.99 44.85 -16.95
N PRO A 205 -7.65 44.79 -15.67
CA PRO A 205 -8.40 43.90 -14.81
C PRO A 205 -9.56 44.59 -14.14
N VAL A 206 -10.58 43.83 -13.81
CA VAL A 206 -11.75 44.33 -13.07
C VAL A 206 -12.04 43.47 -11.87
N ALA A 207 -12.01 44.08 -10.70
CA ALA A 207 -12.27 43.40 -9.45
C ALA A 207 -13.75 43.00 -9.36
N LEU A 208 -14.00 41.78 -8.94
CA LEU A 208 -15.35 41.26 -8.84
C LEU A 208 -15.52 40.41 -7.59
N GLY A 209 -16.62 40.62 -6.88
CA GLY A 209 -17.04 39.71 -5.83
C GLY A 209 -16.03 39.50 -4.69
N ARG A 210 -15.42 40.57 -4.21
CA ARG A 210 -14.53 40.47 -3.05
C ARG A 210 -15.34 40.13 -1.82
N SER A 211 -14.82 39.27 -0.97
CA SER A 211 -15.54 38.87 0.23
C SER A 211 -14.73 39.16 1.49
N ASP A 212 -15.36 39.75 2.50
CA ASP A 212 -14.68 39.90 3.79
C ASP A 212 -14.85 38.65 4.69
N ILE A 213 -15.61 37.67 4.20
CA ILE A 213 -15.92 36.39 4.84
C ILE A 213 -15.10 35.36 4.07
N PHE A 214 -14.50 34.39 4.74
CA PHE A 214 -13.77 33.34 4.00
C PHE A 214 -14.75 32.46 3.21
N VAL A 215 -14.43 32.25 1.94
CA VAL A 215 -15.25 31.42 1.04
C VAL A 215 -14.47 30.17 0.66
N PRO A 216 -14.91 28.99 1.12
CA PRO A 216 -14.15 27.81 0.72
C PRO A 216 -14.47 27.44 -0.72
N VAL A 217 -13.51 27.54 -1.60
CA VAL A 217 -13.72 27.21 -2.99
C VAL A 217 -13.10 25.85 -3.26
N ASP A 218 -13.89 24.94 -3.84
CA ASP A 218 -13.39 23.66 -4.32
C ASP A 218 -13.59 23.64 -5.82
N THR A 219 -12.49 23.73 -6.57
CA THR A 219 -12.56 23.81 -8.03
C THR A 219 -12.99 22.49 -8.70
N GLU A 220 -13.08 21.39 -7.94
CA GLU A 220 -13.67 20.12 -8.42
C GLU A 220 -15.14 19.96 -8.00
N ALA A 221 -15.68 20.98 -7.33
CA ALA A 221 -17.08 20.97 -6.92
C ALA A 221 -17.54 22.42 -6.70
N LEU A 222 -17.63 23.19 -7.76
CA LEU A 222 -17.98 24.60 -7.61
C LEU A 222 -19.38 24.72 -7.05
N ARG A 223 -19.57 25.73 -6.21
CA ARG A 223 -20.89 26.03 -5.69
C ARG A 223 -21.75 26.49 -6.87
N PRO A 224 -23.03 26.08 -6.92
CA PRO A 224 -23.93 26.66 -7.91
C PRO A 224 -23.90 28.17 -7.93
N GLU A 225 -23.73 28.79 -6.74
CA GLU A 225 -23.58 30.26 -6.62
C GLU A 225 -22.39 30.84 -7.40
N ASP A 226 -21.24 30.18 -7.34
CA ASP A 226 -20.06 30.65 -8.07
C ASP A 226 -20.19 30.50 -9.58
N ILE A 227 -20.84 29.41 -10.00
CA ILE A 227 -21.16 29.19 -11.39
C ILE A 227 -22.11 30.29 -11.90
N ALA A 228 -23.12 30.61 -11.10
CA ALA A 228 -24.07 31.67 -11.48
C ALA A 228 -23.35 33.04 -11.51
N LEU A 229 -22.46 33.27 -10.55
CA LEU A 229 -21.73 34.55 -10.54
C LEU A 229 -20.83 34.70 -11.77
N LEU A 230 -20.11 33.62 -12.10
CA LEU A 230 -19.20 33.68 -13.25
C LEU A 230 -19.99 33.95 -14.53
N ALA A 231 -21.14 33.29 -14.69
CA ALA A 231 -22.02 33.52 -15.84
C ALA A 231 -22.50 34.97 -15.92
N GLN A 232 -22.95 35.50 -14.78
CA GLN A 232 -23.50 36.85 -14.71
C GLN A 232 -22.45 37.92 -15.03
N TRP A 233 -21.26 37.75 -14.49
CA TRP A 233 -20.18 38.70 -14.74
C TRP A 233 -19.69 38.56 -16.18
N GLY A 234 -19.56 37.33 -16.61
CA GLY A 234 -18.92 37.00 -17.86
C GLY A 234 -19.83 37.18 -19.04
N LYS A 235 -21.12 37.38 -18.80
CA LYS A 235 -22.07 37.67 -19.87
C LYS A 235 -21.85 39.07 -20.46
N SER A 236 -21.13 39.94 -19.74
CA SER A 236 -20.73 41.20 -20.33
C SER A 236 -19.82 40.95 -21.54
N ASP A 237 -20.08 41.64 -22.62
CA ASP A 237 -19.22 41.59 -23.80
C ASP A 237 -17.88 42.28 -23.56
N ARG A 238 -17.69 42.83 -22.37
CA ARG A 238 -16.51 43.62 -22.03
C ARG A 238 -15.34 42.82 -21.44
N LEU A 239 -15.60 41.58 -21.04
CA LEU A 239 -14.57 40.75 -20.44
C LEU A 239 -14.20 39.63 -21.38
N ASP A 240 -12.90 39.42 -21.59
CA ASP A 240 -12.39 38.28 -22.38
C ASP A 240 -12.35 36.98 -21.56
N ALA A 241 -12.34 37.14 -20.24
CA ALA A 241 -12.28 36.01 -19.34
C ALA A 241 -12.51 36.50 -17.93
N ILE A 242 -12.80 35.56 -17.04
CA ILE A 242 -12.76 35.81 -15.63
C ILE A 242 -11.77 34.83 -15.02
N VAL A 243 -10.85 35.37 -14.22
CA VAL A 243 -9.88 34.54 -13.54
C VAL A 243 -9.94 34.67 -12.03
N SER A 244 -9.55 33.58 -11.36
CA SER A 244 -9.59 33.52 -9.91
C SER A 244 -8.70 32.37 -9.48
N THR A 245 -8.66 32.13 -8.18
CA THR A 245 -8.01 30.94 -7.64
C THR A 245 -8.84 30.48 -6.47
N ASP A 246 -8.46 29.35 -5.90
CA ASP A 246 -9.09 28.92 -4.67
C ASP A 246 -8.41 29.66 -3.50
N GLY A 247 -8.74 29.27 -2.26
CA GLY A 247 -8.34 30.03 -1.08
C GLY A 247 -6.85 30.32 -0.93
N ASP A 248 -6.01 29.30 -1.13
CA ASP A 248 -4.56 29.41 -0.96
C ASP A 248 -3.84 29.55 -2.30
N ALA A 249 -4.64 29.64 -3.38
CA ALA A 249 -4.13 29.96 -4.70
C ALA A 249 -3.11 28.97 -5.24
N ASP A 250 -3.30 27.68 -4.96
CA ASP A 250 -2.59 26.65 -5.71
C ASP A 250 -3.42 26.08 -6.87
N ARG A 251 -4.68 26.47 -6.98
CA ARG A 251 -5.53 26.08 -8.10
C ARG A 251 -6.16 27.31 -8.81
N PRO A 252 -6.14 27.30 -10.14
CA PRO A 252 -6.83 28.32 -10.89
C PRO A 252 -8.36 28.09 -10.91
N LEU A 253 -9.10 29.14 -11.16
CA LEU A 253 -10.53 29.05 -11.44
C LEU A 253 -10.74 30.04 -12.57
N ILE A 254 -10.96 29.50 -13.76
CA ILE A 254 -10.95 30.25 -14.98
C ILE A 254 -12.26 30.09 -15.69
N ALA A 255 -12.81 31.20 -16.17
CA ALA A 255 -14.01 31.18 -17.01
C ALA A 255 -13.72 31.93 -18.30
N ASP A 256 -14.41 31.52 -19.35
CA ASP A 256 -14.21 32.07 -20.67
C ASP A 256 -14.95 33.40 -20.89
N GLU A 257 -14.98 33.87 -22.13
CA GLU A 257 -15.55 35.17 -22.47
C GLU A 257 -17.06 35.20 -22.28
N HIS A 258 -17.70 34.05 -22.06
CA HIS A 258 -19.12 34.00 -21.74
C HIS A 258 -19.40 33.67 -20.29
N GLY A 259 -18.35 33.63 -19.47
CA GLY A 259 -18.48 33.26 -18.06
C GLY A 259 -18.70 31.80 -17.81
N GLN A 260 -18.35 30.96 -18.77
CA GLN A 260 -18.46 29.53 -18.60
C GLN A 260 -17.15 28.96 -18.05
N PHE A 261 -17.28 28.13 -17.02
CA PHE A 261 -16.12 27.50 -16.38
C PHE A 261 -15.30 26.62 -17.35
N VAL A 262 -13.98 26.81 -17.32
CA VAL A 262 -13.02 25.92 -18.00
C VAL A 262 -12.47 24.95 -16.93
N ARG A 263 -12.91 23.71 -17.01
CA ARG A 263 -12.47 22.70 -16.04
C ARG A 263 -10.94 22.62 -15.96
N GLY A 264 -10.45 22.39 -14.75
CA GLY A 264 -9.01 22.50 -14.46
C GLY A 264 -8.11 21.61 -15.33
N ASP A 265 -8.59 20.41 -15.70
CA ASP A 265 -7.78 19.54 -16.57
C ASP A 265 -7.69 20.11 -18.00
N LEU A 266 -8.68 20.89 -18.45
CA LEU A 266 -8.62 21.55 -19.76
C LEU A 266 -7.67 22.77 -19.73
N ALA A 267 -7.70 23.54 -18.63
CA ALA A 267 -6.73 24.61 -18.41
C ALA A 267 -5.33 24.01 -18.36
N GLY A 268 -5.21 22.83 -17.79
CA GLY A 268 -3.93 22.11 -17.73
C GLY A 268 -3.45 21.72 -19.12
N ALA A 269 -4.33 21.14 -19.94
CA ALA A 269 -4.03 20.84 -21.35
C ALA A 269 -3.60 22.08 -22.16
N ILE A 270 -4.34 23.18 -21.99
CA ILE A 270 -4.01 24.43 -22.67
C ILE A 270 -2.62 24.89 -22.24
N THR A 271 -2.32 24.71 -20.95
CA THR A 271 -1.00 25.07 -20.37
C THR A 271 0.09 24.15 -20.94
N ALA A 272 -0.15 22.84 -21.01
CA ALA A 272 0.82 21.89 -21.58
C ALA A 272 1.17 22.26 -23.02
N THR A 273 0.16 22.58 -23.81
CA THR A 273 0.40 23.07 -25.17
C THR A 273 1.27 24.36 -25.17
N TRP A 274 0.91 25.31 -24.32
CA TRP A 274 1.57 26.60 -24.30
C TRP A 274 3.04 26.44 -23.94
N VAL A 275 3.37 25.58 -22.98
CA VAL A 275 4.77 25.44 -22.60
C VAL A 275 5.54 24.43 -23.46
N GLY A 276 4.85 23.86 -24.45
CA GLY A 276 5.48 22.91 -25.38
C GLY A 276 5.86 21.59 -24.72
N ALA A 277 5.05 21.18 -23.73
CA ALA A 277 5.33 19.99 -22.94
C ALA A 277 5.51 18.72 -23.78
N ASP A 278 6.51 17.95 -23.39
CA ASP A 278 6.82 16.63 -23.96
C ASP A 278 6.05 15.50 -23.24
N THR A 279 6.06 15.54 -21.91
CA THR A 279 5.41 14.54 -21.12
C THR A 279 4.46 15.20 -20.16
N LEU A 280 3.26 14.67 -20.08
CA LEU A 280 2.26 15.12 -19.13
C LEU A 280 2.06 14.05 -18.07
N VAL A 281 1.88 14.49 -16.84
CA VAL A 281 1.62 13.59 -15.70
C VAL A 281 0.36 14.09 -15.02
N THR A 282 -0.64 13.21 -14.90
CA THR A 282 -1.93 13.64 -14.33
C THR A 282 -2.70 12.49 -13.70
N PRO A 283 -3.55 12.79 -12.69
CA PRO A 283 -4.25 11.64 -12.12
C PRO A 283 -5.29 11.01 -13.06
N VAL A 284 -5.75 9.85 -12.64
CA VAL A 284 -6.76 9.09 -13.36
C VAL A 284 -8.08 9.84 -13.54
N THR A 285 -8.31 10.89 -12.76
CA THR A 285 -9.58 11.60 -12.81
C THR A 285 -9.58 12.66 -13.89
N SER A 286 -8.41 12.95 -14.49
CA SER A 286 -8.38 13.89 -15.61
C SER A 286 -9.09 13.32 -16.84
N ASN A 287 -9.63 14.24 -17.64
CA ASN A 287 -10.44 13.91 -18.81
C ASN A 287 -9.77 12.84 -19.66
N THR A 288 -10.54 11.83 -20.05
CA THR A 288 -9.98 10.73 -20.83
C THR A 288 -9.59 11.14 -22.26
N ALA A 289 -10.07 12.28 -22.74
CA ALA A 289 -9.66 12.78 -24.06
C ALA A 289 -8.21 13.33 -24.13
N LEU A 290 -7.54 13.44 -22.99
CA LEU A 290 -6.20 13.97 -22.96
C LEU A 290 -5.26 13.19 -23.92
N GLU A 291 -5.31 11.87 -23.86
CA GLU A 291 -4.41 11.01 -24.66
C GLU A 291 -4.64 11.16 -26.16
N SER A 292 -5.80 11.68 -26.55
CA SER A 292 -6.09 11.90 -27.97
CA SER A 292 -6.09 11.92 -27.97
C SER A 292 -5.18 12.98 -28.55
N ARG A 293 -4.81 13.96 -27.72
CA ARG A 293 -3.97 15.05 -28.17
C ARG A 293 -2.49 14.82 -27.86
N PHE A 294 -2.20 14.35 -26.66
CA PHE A 294 -0.85 14.25 -26.12
C PHE A 294 -0.40 12.79 -26.10
N PRO A 295 0.69 12.46 -26.83
CA PRO A 295 1.09 11.05 -26.95
C PRO A 295 1.84 10.47 -25.74
N LYS A 296 2.26 11.28 -24.78
CA LYS A 296 2.96 10.77 -23.60
C LYS A 296 2.31 11.36 -22.34
N VAL A 297 1.40 10.58 -21.77
CA VAL A 297 0.67 10.94 -20.58
C VAL A 297 0.87 9.83 -19.57
N LEU A 298 1.40 10.19 -18.43
CA LEU A 298 1.55 9.25 -17.32
C LEU A 298 0.40 9.50 -16.37
N ARG A 299 -0.39 8.45 -16.11
CA ARG A 299 -1.54 8.51 -15.24
C ARG A 299 -1.18 8.08 -13.81
N THR A 300 -1.65 8.82 -12.83
CA THR A 300 -1.33 8.55 -11.43
C THR A 300 -2.59 8.49 -10.54
N ARG A 301 -2.38 8.10 -9.29
CA ARG A 301 -3.37 8.33 -8.26
C ARG A 301 -3.58 9.83 -8.06
N VAL A 302 -4.70 10.18 -7.45
CA VAL A 302 -5.03 11.56 -7.17
C VAL A 302 -4.18 12.07 -5.99
N GLY A 303 -3.58 13.24 -6.15
CA GLY A 303 -2.84 13.90 -5.09
C GLY A 303 -1.47 14.35 -5.62
N SER A 304 -1.04 15.53 -5.16
CA SER A 304 0.23 16.10 -5.59
C SER A 304 1.44 15.20 -5.36
N PRO A 305 1.52 14.51 -4.21
CA PRO A 305 2.70 13.64 -4.00
C PRO A 305 2.81 12.52 -5.00
N TYR A 306 1.68 12.00 -5.48
CA TYR A 306 1.70 10.99 -6.55
C TYR A 306 2.12 11.57 -7.89
N VAL A 307 1.62 12.77 -8.21
CA VAL A 307 1.99 13.41 -9.45
C VAL A 307 3.50 13.72 -9.46
N ILE A 308 3.99 14.26 -8.34
CA ILE A 308 5.40 14.61 -8.19
C ILE A 308 6.30 13.38 -8.30
N ALA A 309 5.89 12.28 -7.68
CA ALA A 309 6.73 11.09 -7.70
C ALA A 309 6.86 10.54 -9.12
N SER A 310 5.79 10.62 -9.91
CA SER A 310 5.88 10.22 -11.34
C SER A 310 6.67 11.21 -12.19
N MET A 311 6.46 12.49 -11.96
CA MET A 311 7.25 13.50 -12.66
C MET A 311 8.74 13.29 -12.44
N ALA A 312 9.13 13.07 -11.18
CA ALA A 312 10.54 12.85 -10.84
C ALA A 312 11.19 11.71 -11.61
N GLN A 313 10.43 10.67 -11.97
CA GLN A 313 11.01 9.55 -12.70
C GLN A 313 11.19 9.84 -14.19
N VAL A 314 10.62 10.93 -14.73
CA VAL A 314 10.68 11.24 -16.18
C VAL A 314 11.94 12.00 -16.57
N SER A 315 12.64 11.55 -17.61
CA SER A 315 13.76 12.31 -18.21
C SER A 315 13.26 13.28 -19.30
N GLY A 320 11.06 19.18 -24.97
CA GLY A 320 10.29 20.06 -24.08
C GLY A 320 10.15 19.59 -22.64
N PRO A 321 9.45 20.37 -21.83
CA PRO A 321 9.34 20.11 -20.42
C PRO A 321 8.42 18.96 -19.99
N VAL A 322 8.61 18.55 -18.74
CA VAL A 322 7.69 17.65 -18.07
C VAL A 322 6.71 18.54 -17.33
N ILE A 323 5.43 18.30 -17.54
CA ILE A 323 4.39 19.03 -16.84
C ILE A 323 3.43 18.09 -16.13
N GLY A 324 3.16 18.45 -14.89
CA GLY A 324 2.14 17.80 -14.10
C GLY A 324 0.93 18.72 -13.88
N PHE A 325 -0.25 18.14 -13.83
CA PHE A 325 -1.44 18.87 -13.39
C PHE A 325 -2.55 17.92 -12.94
N GLU A 326 -3.51 18.45 -12.20
CA GLU A 326 -4.65 17.66 -11.74
C GLU A 326 -5.92 18.27 -12.26
N ALA A 327 -7.02 17.56 -12.08
CA ALA A 327 -8.30 18.03 -12.55
C ALA A 327 -8.78 19.25 -11.74
N ASN A 328 -8.19 19.45 -10.57
CA ASN A 328 -8.38 20.68 -9.81
C ASN A 328 -7.77 21.94 -10.46
N GLY A 329 -7.00 21.76 -11.52
CA GLY A 329 -6.40 22.84 -12.30
C GLY A 329 -4.98 23.26 -11.90
N GLY A 330 -4.51 22.82 -10.74
CA GLY A 330 -3.16 23.17 -10.30
C GLY A 330 -2.12 22.57 -11.23
N VAL A 331 -1.12 23.37 -11.60
CA VAL A 331 -0.11 22.93 -12.52
C VAL A 331 1.25 22.87 -11.81
N LEU A 332 1.94 21.76 -12.04
CA LEU A 332 3.22 21.49 -11.46
C LEU A 332 4.22 21.46 -12.60
N LEU A 333 4.98 22.54 -12.73
CA LEU A 333 5.96 22.64 -13.78
C LEU A 333 7.22 21.95 -13.34
N GLY A 334 7.60 20.92 -14.09
CA GLY A 334 8.68 20.01 -13.72
C GLY A 334 10.03 20.38 -14.29
N SER A 335 10.04 21.24 -15.31
CA SER A 335 11.28 21.60 -16.04
C SER A 335 11.29 23.08 -16.31
N THR A 336 12.47 23.67 -16.32
CA THR A 336 12.58 25.04 -16.76
C THR A 336 12.09 25.23 -18.22
N VAL A 337 11.25 26.24 -18.42
CA VAL A 337 10.71 26.60 -19.72
C VAL A 337 11.39 27.89 -20.19
N GLU A 338 11.75 27.92 -21.48
CA GLU A 338 12.29 29.14 -22.09
C GLU A 338 11.33 29.78 -23.12
N ARG A 339 11.35 31.10 -23.20
CA ARG A 339 10.48 31.82 -24.12
C ARG A 339 11.05 33.21 -24.39
N ASN A 340 11.38 33.46 -25.67
CA ASN A 340 11.84 34.77 -26.13
C ASN A 340 12.99 35.26 -25.24
N GLY A 341 13.89 34.36 -24.89
CA GLY A 341 15.08 34.72 -24.13
C GLY A 341 14.89 34.78 -22.62
N ARG A 342 13.69 34.50 -22.15
CA ARG A 342 13.36 34.53 -20.73
C ARG A 342 13.07 33.11 -20.21
N SER A 343 13.41 32.85 -18.95
CA SER A 343 13.19 31.51 -18.33
C SER A 343 12.15 31.52 -17.23
N LEU A 344 11.40 30.42 -17.15
CA LEU A 344 10.48 30.16 -16.04
C LEU A 344 10.98 28.85 -15.41
N THR A 345 11.53 28.95 -14.22
CA THR A 345 12.17 27.81 -13.58
C THR A 345 11.11 26.83 -13.05
N ALA A 346 11.52 25.57 -12.95
CA ALA A 346 10.68 24.49 -12.44
C ALA A 346 10.14 24.84 -11.04
N LEU A 347 8.89 24.45 -10.79
CA LEU A 347 8.28 24.63 -9.50
C LEU A 347 7.36 23.44 -9.28
N PRO A 348 7.88 22.38 -8.66
CA PRO A 348 7.14 21.10 -8.66
C PRO A 348 6.11 21.03 -7.52
N THR A 349 5.16 21.95 -7.56
CA THR A 349 4.05 22.01 -6.63
C THR A 349 2.96 22.79 -7.33
N ARG A 350 1.71 22.62 -6.91
CA ARG A 350 0.61 23.15 -7.71
C ARG A 350 0.64 24.68 -7.78
N ASP A 351 0.46 25.21 -8.98
CA ASP A 351 0.40 26.63 -9.23
C ASP A 351 -0.90 26.98 -9.97
N ALA A 352 -1.45 28.14 -9.62
CA ALA A 352 -2.61 28.74 -10.30
C ALA A 352 -2.22 29.83 -11.32
N LEU A 353 -1.19 30.63 -11.03
CA LEU A 353 -0.82 31.70 -11.96
CA LEU A 353 -0.83 31.70 -11.95
C LEU A 353 -0.37 31.20 -13.33
N LEU A 354 0.37 30.10 -13.38
CA LEU A 354 0.80 29.56 -14.70
C LEU A 354 -0.36 29.23 -15.64
N PRO A 355 -1.34 28.41 -15.18
CA PRO A 355 -2.46 28.12 -16.07
C PRO A 355 -3.33 29.32 -16.43
N ILE A 356 -3.54 30.23 -15.48
CA ILE A 356 -4.24 31.48 -15.77
C ILE A 356 -3.57 32.22 -16.93
N LEU A 357 -2.27 32.47 -16.77
CA LEU A 357 -1.53 33.23 -17.74
C LEU A 357 -1.33 32.48 -19.06
N ALA A 358 -1.18 31.17 -19.00
CA ALA A 358 -1.08 30.39 -20.25
C ALA A 358 -2.35 30.54 -21.03
N CYS A 359 -3.50 30.46 -20.35
CA CYS A 359 -4.79 30.63 -21.03
C CYS A 359 -4.91 32.04 -21.63
N LEU A 360 -4.61 33.07 -20.84
CA LEU A 360 -4.68 34.44 -21.36
C LEU A 360 -3.71 34.69 -22.49
N ALA A 361 -2.48 34.18 -22.36
CA ALA A 361 -1.50 34.33 -23.43
C ALA A 361 -1.92 33.62 -24.71
N THR A 362 -2.59 32.47 -24.59
CA THR A 362 -3.05 31.75 -25.78
C THR A 362 -4.10 32.59 -26.53
N VAL A 363 -5.04 33.16 -25.77
CA VAL A 363 -6.07 34.03 -26.33
C VAL A 363 -5.40 35.19 -27.07
N HIS A 364 -4.44 35.79 -26.39
CA HIS A 364 -3.73 36.96 -26.90
C HIS A 364 -2.94 36.64 -28.18
N GLU A 365 -2.18 35.55 -28.15
CA GLU A 365 -1.37 35.16 -29.30
C GLU A 365 -2.20 34.73 -30.51
N LYS A 366 -3.25 33.94 -30.29
CA LYS A 366 -4.03 33.44 -31.40
C LYS A 366 -5.12 34.42 -31.81
N LYS A 367 -5.32 35.49 -31.07
CA LYS A 367 -6.43 36.41 -31.29
C LYS A 367 -7.76 35.64 -31.42
N THR A 368 -7.96 34.69 -30.51
CA THR A 368 -9.12 33.78 -30.56
C THR A 368 -9.70 33.71 -29.16
N PRO A 369 -11.04 33.67 -29.04
CA PRO A 369 -11.61 33.63 -27.69
C PRO A 369 -11.32 32.33 -26.95
N LEU A 370 -11.34 32.38 -25.63
CA LEU A 370 -11.01 31.23 -24.82
C LEU A 370 -12.00 30.07 -25.02
N SER A 371 -13.28 30.36 -25.23
CA SER A 371 -14.25 29.28 -25.48
C SER A 371 -13.83 28.42 -26.72
N THR A 372 -13.34 29.07 -27.77
CA THR A 372 -12.91 28.34 -29.00
C THR A 372 -11.67 27.53 -28.73
N ILE A 373 -10.73 28.13 -28.00
CA ILE A 373 -9.54 27.39 -27.61
C ILE A 373 -9.91 26.15 -26.81
N ALA A 374 -10.82 26.31 -25.86
CA ALA A 374 -11.18 25.21 -24.96
C ALA A 374 -11.85 24.11 -25.76
N ARG A 375 -12.77 24.49 -26.63
CA ARG A 375 -13.49 23.54 -27.48
C ARG A 375 -12.58 22.72 -28.44
N SER A 376 -11.47 23.33 -28.87
CA SER A 376 -10.55 22.70 -29.83
C SER A 376 -9.95 21.38 -29.33
N TYR A 377 -9.96 21.15 -28.01
CA TYR A 377 -9.45 19.89 -27.44
C TYR A 377 -10.47 18.71 -27.52
N GLY A 378 -11.73 18.99 -27.78
CA GLY A 378 -12.78 17.96 -27.89
C GLY A 378 -12.86 17.07 -26.65
N PHE A 379 -12.76 17.66 -25.48
CA PHE A 379 -12.80 16.85 -24.25
C PHE A 379 -14.16 16.16 -24.12
N ARG A 380 -14.14 14.96 -23.53
CA ARG A 380 -15.36 14.31 -23.14
C ARG A 380 -16.10 15.24 -22.16
N VAL A 381 -17.42 15.17 -22.19
CA VAL A 381 -18.23 15.98 -21.32
C VAL A 381 -18.09 15.36 -19.95
N ALA A 382 -17.44 16.11 -19.05
CA ALA A 382 -17.14 15.65 -17.70
C ALA A 382 -17.79 16.55 -16.63
N LEU A 383 -18.22 15.93 -15.54
CA LEU A 383 -18.69 16.67 -14.38
C LEU A 383 -18.14 16.00 -13.13
N SER A 384 -18.02 16.79 -12.06
CA SER A 384 -17.59 16.26 -10.78
C SER A 384 -18.28 17.01 -9.63
N ASP A 385 -18.49 16.30 -8.53
CA ASP A 385 -19.14 16.88 -7.38
C ASP A 385 -18.76 16.00 -6.20
N ARG A 386 -19.32 16.32 -5.04
CA ARG A 386 -19.02 15.58 -3.80
CA ARG A 386 -19.02 15.58 -3.80
C ARG A 386 -20.18 15.66 -2.82
N LEU A 387 -20.27 14.67 -1.96
CA LEU A 387 -21.19 14.72 -0.84
C LEU A 387 -20.36 15.12 0.36
N GLN A 388 -20.87 16.06 1.15
CA GLN A 388 -20.15 16.58 2.31
C GLN A 388 -20.59 15.86 3.57
N ASN A 389 -19.77 15.99 4.61
CA ASN A 389 -20.01 15.39 5.91
C ASN A 389 -20.23 13.87 5.85
N ILE A 390 -19.38 13.17 5.11
CA ILE A 390 -19.44 11.71 5.02
C ILE A 390 -18.23 11.16 5.75
N PRO A 391 -18.43 10.52 6.92
CA PRO A 391 -17.28 10.01 7.66
C PRO A 391 -16.48 8.98 6.87
N GLN A 392 -15.19 8.87 7.20
CA GLN A 392 -14.29 7.94 6.52
C GLN A 392 -14.84 6.52 6.56
N GLU A 393 -15.40 6.09 7.67
CA GLU A 393 -15.91 4.72 7.80
C GLU A 393 -17.07 4.49 6.83
N ALA A 394 -17.91 5.50 6.64
CA ALA A 394 -19.08 5.36 5.79
C ALA A 394 -18.68 5.30 4.31
N SER A 395 -17.74 6.15 3.89
CA SER A 395 -17.24 6.10 2.51
C SER A 395 -16.44 4.82 2.23
N THR A 396 -15.62 4.38 3.20
CA THR A 396 -14.95 3.10 3.11
C THR A 396 -15.97 1.94 2.92
N ALA A 397 -17.05 1.94 3.68
CA ALA A 397 -18.07 0.90 3.54
C ALA A 397 -18.76 0.93 2.17
N PHE A 398 -19.13 2.12 1.71
CA PHE A 398 -19.73 2.26 0.40
C PHE A 398 -18.80 1.74 -0.71
N LEU A 399 -17.53 2.15 -0.66
CA LEU A 399 -16.59 1.73 -1.69
C LEU A 399 -16.39 0.21 -1.70
N ALA A 400 -16.42 -0.43 -0.52
CA ALA A 400 -16.33 -1.87 -0.44
C ALA A 400 -17.56 -2.57 -1.08
N LEU A 401 -18.71 -1.99 -0.87
CA LEU A 401 -19.98 -2.46 -1.44
C LEU A 401 -19.83 -2.61 -2.96
N LEU A 402 -19.23 -1.60 -3.58
CA LEU A 402 -19.04 -1.55 -5.03
C LEU A 402 -18.09 -2.60 -5.57
N GLU A 403 -17.28 -3.20 -4.72
CA GLU A 403 -16.42 -4.30 -5.14
C GLU A 403 -17.16 -5.63 -5.31
N ASP A 404 -18.41 -5.68 -4.84
CA ASP A 404 -19.25 -6.87 -4.95
C ASP A 404 -20.06 -6.78 -6.25
N ALA A 405 -19.84 -7.73 -7.15
CA ALA A 405 -20.46 -7.74 -8.46
C ALA A 405 -21.99 -7.65 -8.39
N ASP A 406 -22.57 -8.39 -7.45
CA ASP A 406 -24.03 -8.38 -7.26
C ASP A 406 -24.50 -7.01 -6.83
N LYS A 407 -23.86 -6.45 -5.80
CA LYS A 407 -24.24 -5.15 -5.26
C LYS A 407 -24.18 -4.06 -6.32
N ARG A 408 -23.14 -4.08 -7.15
CA ARG A 408 -23.01 -3.08 -8.21
C ARG A 408 -24.20 -3.09 -9.14
N ALA A 409 -24.61 -4.30 -9.53
CA ALA A 409 -25.71 -4.49 -10.46
C ALA A 409 -27.03 -4.08 -9.83
N SER A 410 -27.16 -4.28 -8.52
CA SER A 410 -28.34 -3.90 -7.80
CA SER A 410 -28.35 -3.87 -7.80
C SER A 410 -28.50 -2.37 -7.75
N LEU A 411 -27.37 -1.65 -7.67
CA LEU A 411 -27.41 -0.23 -7.40
C LEU A 411 -27.63 0.58 -8.68
N PHE A 412 -27.14 0.08 -9.79
CA PHE A 412 -27.22 0.81 -11.03
C PHE A 412 -28.36 0.31 -11.94
N PRO A 413 -28.89 1.19 -12.79
CA PRO A 413 -30.00 0.78 -13.70
C PRO A 413 -29.58 -0.35 -14.62
N ALA A 414 -30.49 -1.27 -14.90
CA ALA A 414 -30.13 -2.48 -15.62
C ALA A 414 -29.69 -2.26 -17.06
N GLY A 415 -30.22 -1.25 -17.74
CA GLY A 415 -30.05 -1.21 -19.20
C GLY A 415 -28.63 -0.90 -19.72
N ASP A 416 -27.74 -0.42 -18.86
CA ASP A 416 -26.39 -0.05 -19.23
C ASP A 416 -25.41 -0.85 -18.39
N ALA A 417 -24.85 -1.90 -18.97
CA ALA A 417 -24.09 -2.88 -18.22
C ALA A 417 -22.71 -2.35 -17.85
N ILE A 418 -22.24 -2.73 -16.66
CA ILE A 418 -20.87 -2.40 -16.25
C ILE A 418 -19.95 -3.38 -16.92
N VAL A 419 -19.01 -2.88 -17.70
CA VAL A 419 -18.10 -3.75 -18.42
C VAL A 419 -16.68 -3.78 -17.83
N ARG A 420 -16.36 -2.85 -16.94
CA ARG A 420 -15.02 -2.84 -16.32
C ARG A 420 -15.08 -2.03 -15.04
N VAL A 421 -14.33 -2.51 -14.05
CA VAL A 421 -14.22 -1.82 -12.77
C VAL A 421 -12.74 -1.67 -12.42
N GLU A 422 -12.34 -0.48 -11.98
CA GLU A 422 -10.96 -0.28 -11.51
C GLU A 422 -10.97 0.22 -10.08
N THR A 423 -10.03 -0.29 -9.27
CA THR A 423 -9.86 0.15 -7.88
C THR A 423 -8.44 0.67 -7.61
N ILE A 424 -7.86 1.34 -8.59
CA ILE A 424 -6.54 1.98 -8.45
C ILE A 424 -6.62 3.12 -7.41
N ASP A 425 -7.68 3.93 -7.50
CA ASP A 425 -7.90 5.03 -6.58
C ASP A 425 -9.43 5.23 -6.43
N GLY A 426 -9.98 4.65 -5.38
CA GLY A 426 -11.42 4.53 -5.23
C GLY A 426 -11.96 3.43 -6.13
N VAL A 427 -13.16 3.64 -6.65
CA VAL A 427 -13.78 2.66 -7.50
C VAL A 427 -14.35 3.35 -8.73
N LYS A 428 -13.85 3.01 -9.91
CA LYS A 428 -14.36 3.56 -11.16
C LYS A 428 -15.10 2.48 -11.95
N LEU A 429 -16.32 2.81 -12.37
CA LEU A 429 -17.20 1.91 -13.09
C LEU A 429 -17.33 2.38 -14.52
N PHE A 430 -17.06 1.49 -15.47
CA PHE A 430 -17.09 1.81 -16.87
C PHE A 430 -18.25 1.09 -17.48
N PHE A 431 -19.04 1.80 -18.30
CA PHE A 431 -20.28 1.23 -18.81
C PHE A 431 -20.20 0.92 -20.29
N GLN A 432 -21.03 -0.01 -20.72
CA GLN A 432 -21.08 -0.45 -22.08
C GLN A 432 -21.39 0.72 -23.01
N SER A 433 -22.16 1.68 -22.51
CA SER A 433 -22.54 2.87 -23.27
C SER A 433 -21.32 3.77 -23.54
N GLY A 434 -20.30 3.64 -22.70
CA GLY A 434 -19.16 4.53 -22.69
C GLY A 434 -19.19 5.51 -21.52
N ASN A 435 -20.31 5.56 -20.82
CA ASN A 435 -20.41 6.33 -19.59
C ASN A 435 -19.42 5.77 -18.58
N ALA A 436 -19.01 6.62 -17.67
CA ALA A 436 -18.16 6.23 -16.56
C ALA A 436 -18.53 7.04 -15.29
N VAL A 437 -18.51 6.35 -14.15
CA VAL A 437 -18.82 6.92 -12.84
C VAL A 437 -17.72 6.48 -11.90
N HIS A 438 -17.06 7.45 -11.28
CA HIS A 438 -15.90 7.20 -10.44
C HIS A 438 -16.21 7.75 -9.04
N TYR A 439 -16.10 6.91 -8.01
CA TYR A 439 -16.22 7.35 -6.64
C TYR A 439 -14.89 7.29 -5.92
N ARG A 440 -14.59 8.32 -5.11
CA ARG A 440 -13.39 8.33 -4.25
C ARG A 440 -13.76 8.96 -2.93
N ALA A 441 -13.22 8.45 -1.83
CA ALA A 441 -13.23 9.17 -0.57
C ALA A 441 -12.18 10.26 -0.71
N SER A 442 -12.53 11.47 -0.35
CA SER A 442 -11.53 12.51 -0.24
C SER A 442 -10.59 12.14 0.90
N GLY A 443 -9.30 12.24 0.67
CA GLY A 443 -8.32 12.04 1.79
C GLY A 443 -8.13 13.29 2.62
N ASN A 444 -8.73 14.41 2.23
CA ASN A 444 -8.48 15.71 2.88
C ASN A 444 -9.59 16.19 3.78
N ALA A 445 -10.75 15.55 3.69
CA ALA A 445 -11.91 15.93 4.47
C ALA A 445 -12.90 14.78 4.41
N PRO A 446 -13.92 14.77 5.30
CA PRO A 446 -14.92 13.70 5.25
C PRO A 446 -15.92 13.98 4.15
N GLU A 447 -15.55 13.60 2.94
CA GLU A 447 -16.37 13.87 1.76
C GLU A 447 -16.23 12.71 0.81
N LEU A 448 -17.28 12.41 0.07
CA LEU A 448 -17.24 11.39 -0.96
C LEU A 448 -17.34 12.08 -2.32
N ARG A 449 -16.38 11.82 -3.20
CA ARG A 449 -16.34 12.40 -4.54
C ARG A 449 -17.08 11.54 -5.54
N CYS A 450 -17.79 12.15 -6.49
CA CYS A 450 -18.41 11.46 -7.61
C CYS A 450 -18.04 12.19 -8.89
N TYR A 451 -17.24 11.54 -9.74
CA TYR A 451 -16.84 12.12 -11.05
C TYR A 451 -17.47 11.31 -12.20
N VAL A 452 -17.97 11.99 -13.24
CA VAL A 452 -18.61 11.29 -14.38
C VAL A 452 -18.09 11.79 -15.71
N GLU A 453 -18.16 10.94 -16.72
CA GLU A 453 -18.02 11.34 -18.13
C GLU A 453 -19.17 10.73 -18.96
N SER A 454 -19.67 11.50 -19.92
CA SER A 454 -20.69 11.03 -20.82
C SER A 454 -20.58 11.77 -22.17
N SER A 455 -21.59 11.64 -23.01
CA SER A 455 -21.45 11.98 -24.43
C SER A 455 -21.98 13.37 -24.77
N ASP A 456 -22.80 13.95 -23.89
CA ASP A 456 -23.28 15.32 -24.09
C ASP A 456 -23.70 15.91 -22.76
N ASP A 457 -24.01 17.21 -22.75
CA ASP A 457 -24.30 17.93 -21.49
C ASP A 457 -25.50 17.34 -20.75
N THR A 458 -26.56 16.99 -21.50
CA THR A 458 -27.79 16.39 -20.90
C THR A 458 -27.49 15.07 -20.23
N GLN A 459 -26.82 14.17 -20.95
CA GLN A 459 -26.50 12.85 -20.40
CA GLN A 459 -26.51 12.86 -20.37
C GLN A 459 -25.55 12.97 -19.22
N ALA A 460 -24.55 13.84 -19.34
CA ALA A 460 -23.61 14.07 -18.22
C ALA A 460 -24.34 14.55 -16.96
N ALA A 461 -25.22 15.52 -17.09
CA ALA A 461 -25.97 16.06 -15.93
C ALA A 461 -26.83 14.96 -15.26
N LYS A 462 -27.52 14.17 -16.10
CA LYS A 462 -28.33 13.05 -15.59
C LYS A 462 -27.42 12.02 -14.89
N LEU A 463 -26.27 11.74 -15.51
CA LEU A 463 -25.33 10.76 -14.98
C LEU A 463 -24.74 11.24 -13.64
N GLN A 464 -24.38 12.52 -13.56
CA GLN A 464 -23.89 13.10 -12.28
C GLN A 464 -24.95 12.97 -11.19
N ALA A 465 -26.17 13.37 -11.51
CA ALA A 465 -27.26 13.28 -10.54
C ALA A 465 -27.48 11.82 -10.08
N LEU A 466 -27.48 10.89 -11.03
CA LEU A 466 -27.67 9.47 -10.70
C LEU A 466 -26.58 8.98 -9.77
N GLY A 467 -25.33 9.36 -10.09
CA GLY A 467 -24.17 8.88 -9.33
C GLY A 467 -24.25 9.36 -7.89
N LEU A 468 -24.65 10.62 -7.73
CA LEU A 468 -24.77 11.18 -6.40
C LEU A 468 -25.96 10.56 -5.62
N GLU A 469 -27.07 10.33 -6.31
CA GLU A 469 -28.23 9.72 -5.65
C GLU A 469 -27.95 8.27 -5.20
N ILE A 470 -27.28 7.50 -6.06
CA ILE A 470 -26.89 6.12 -5.72
C ILE A 470 -26.03 6.09 -4.44
N ALA A 471 -25.04 6.96 -4.37
CA ALA A 471 -24.23 7.08 -3.18
C ALA A 471 -25.07 7.53 -1.97
N ARG A 472 -25.88 8.56 -2.13
CA ARG A 472 -26.71 9.08 -1.02
C ARG A 472 -27.58 7.95 -0.43
N LYS A 473 -28.27 7.24 -1.31
CA LYS A 473 -29.17 6.15 -0.91
C LYS A 473 -28.41 5.02 -0.19
N ALA A 474 -27.30 4.59 -0.77
CA ALA A 474 -26.53 3.52 -0.18
C ALA A 474 -25.94 3.96 1.16
N LEU A 475 -25.53 5.21 1.26
CA LEU A 475 -24.96 5.72 2.51
C LEU A 475 -26.02 5.77 3.62
N LYS A 476 -27.23 6.20 3.28
CA LYS A 476 -28.34 6.21 4.24
C LYS A 476 -28.72 4.78 4.67
N ASP A 477 -28.77 3.83 3.72
CA ASP A 477 -29.14 2.44 4.00
C ASP A 477 -28.15 1.73 4.92
N ALA A 478 -26.86 1.98 4.73
CA ALA A 478 -25.83 1.37 5.56
C ALA A 478 -25.81 1.98 6.97
N THR A 479 -26.42 3.15 7.13
CA THR A 479 -26.41 3.85 8.43
C THR A 479 -27.31 3.17 9.44
N ASN B 8 -2.50 -41.60 -7.41
CA ASN B 8 -2.50 -42.53 -6.24
C ASN B 8 -1.81 -41.91 -5.03
N SER B 9 -0.67 -41.25 -5.25
CA SER B 9 0.03 -40.53 -4.20
C SER B 9 -0.62 -39.18 -3.90
N LEU B 10 -1.50 -38.72 -4.81
CA LEU B 10 -2.02 -37.36 -4.76
C LEU B 10 -3.20 -37.24 -3.82
N LYS B 11 -3.04 -36.39 -2.79
CA LYS B 11 -4.06 -36.22 -1.77
C LYS B 11 -3.96 -34.83 -1.17
N PHE B 12 -5.07 -34.34 -0.62
CA PHE B 12 -4.97 -33.22 0.30
C PHE B 12 -4.43 -33.78 1.60
N GLY B 13 -3.98 -32.89 2.46
CA GLY B 13 -3.37 -33.31 3.72
C GLY B 13 -3.48 -32.18 4.71
N THR B 14 -2.36 -31.61 5.10
CA THR B 14 -2.39 -30.56 6.10
C THR B 14 -2.83 -29.28 5.40
N SER B 15 -2.13 -28.92 4.33
CA SER B 15 -2.60 -27.91 3.41
C SER B 15 -2.10 -28.27 2.03
N GLY B 16 -2.85 -27.90 1.00
CA GLY B 16 -2.47 -28.14 -0.38
C GLY B 16 -2.79 -29.55 -0.86
N LEU B 17 -2.92 -29.69 -2.17
CA LEU B 17 -2.86 -30.97 -2.83
C LEU B 17 -1.39 -31.30 -3.12
N ARG B 18 -0.91 -32.45 -2.65
CA ARG B 18 0.51 -32.84 -2.82
C ARG B 18 0.68 -34.32 -3.16
N GLY B 19 1.77 -34.63 -3.86
CA GLY B 19 2.23 -36.00 -4.06
C GLY B 19 3.40 -36.05 -5.04
N LEU B 20 3.63 -37.22 -5.61
CA LEU B 20 4.77 -37.41 -6.50
C LEU B 20 4.69 -36.55 -7.78
N ALA B 21 5.81 -35.92 -8.11
CA ALA B 21 5.90 -35.00 -9.25
C ALA B 21 5.53 -35.69 -10.55
N VAL B 22 5.98 -36.92 -10.72
CA VAL B 22 5.67 -37.69 -11.93
C VAL B 22 4.18 -37.98 -12.09
N GLU B 23 3.42 -38.01 -10.99
CA GLU B 23 1.99 -38.27 -11.08
C GLU B 23 1.24 -36.97 -11.29
N LEU B 24 1.67 -35.92 -10.59
CA LEU B 24 1.02 -34.60 -10.74
C LEU B 24 1.24 -33.98 -12.13
N ASN B 25 2.41 -34.23 -12.72
CA ASN B 25 2.77 -33.64 -13.99
C ASN B 25 2.13 -34.42 -15.12
N GLY B 26 0.88 -34.07 -15.38
CA GLY B 26 0.06 -34.77 -16.33
C GLY B 26 -1.39 -34.45 -16.02
N LEU B 27 -2.27 -35.38 -16.36
CA LEU B 27 -3.70 -35.14 -16.28
C LEU B 27 -4.15 -34.66 -14.88
N PRO B 28 -3.60 -35.25 -13.81
CA PRO B 28 -4.05 -34.81 -12.48
C PRO B 28 -3.99 -33.30 -12.23
N ALA B 29 -2.90 -32.64 -12.65
CA ALA B 29 -2.78 -31.18 -12.43
C ALA B 29 -3.89 -30.44 -13.18
N TYR B 30 -4.17 -30.88 -14.40
CA TYR B 30 -5.16 -30.25 -15.25
C TYR B 30 -6.53 -30.51 -14.63
N ALA B 31 -6.77 -31.75 -14.20
CA ALA B 31 -8.09 -32.14 -13.72
C ALA B 31 -8.41 -31.53 -12.36
N TYR B 32 -7.43 -31.52 -11.45
CA TYR B 32 -7.61 -30.86 -10.16
C TYR B 32 -7.90 -29.38 -10.33
N THR B 33 -7.24 -28.74 -11.28
CA THR B 33 -7.48 -27.33 -11.55
C THR B 33 -8.90 -27.11 -12.10
N MET B 34 -9.29 -27.96 -13.03
CA MET B 34 -10.66 -27.93 -13.54
C MET B 34 -11.67 -28.08 -12.38
N ALA B 35 -11.47 -29.08 -11.52
CA ALA B 35 -12.36 -29.28 -10.38
C ALA B 35 -12.49 -27.99 -9.56
N PHE B 36 -11.34 -27.35 -9.30
CA PHE B 36 -11.29 -26.11 -8.51
C PHE B 36 -12.08 -24.95 -9.16
N VAL B 37 -11.78 -24.64 -10.42
CA VAL B 37 -12.44 -23.51 -11.07
C VAL B 37 -13.94 -23.75 -11.23
N GLN B 38 -14.32 -24.98 -11.60
CA GLN B 38 -15.73 -25.27 -11.78
C GLN B 38 -16.45 -25.22 -10.43
N MET B 39 -15.76 -25.66 -9.38
CA MET B 39 -16.28 -25.57 -8.02
C MET B 39 -16.62 -24.12 -7.69
N LEU B 40 -15.68 -23.22 -7.96
CA LEU B 40 -15.89 -21.81 -7.75
C LEU B 40 -17.02 -21.22 -8.60
N ALA B 41 -17.05 -21.58 -9.89
CA ALA B 41 -18.07 -21.07 -10.80
C ALA B 41 -19.46 -21.52 -10.37
N ALA B 42 -19.57 -22.78 -9.98
CA ALA B 42 -20.83 -23.33 -9.49
C ALA B 42 -21.35 -22.52 -8.31
N LYS B 43 -20.42 -22.17 -7.41
CA LYS B 43 -20.72 -21.36 -6.22
C LYS B 43 -20.88 -19.86 -6.52
N GLY B 44 -20.97 -19.50 -7.81
CA GLY B 44 -21.19 -18.11 -8.20
C GLY B 44 -20.03 -17.15 -8.03
N GLN B 45 -18.89 -17.63 -7.52
CA GLN B 45 -17.73 -16.77 -7.23
C GLN B 45 -16.88 -16.48 -8.48
N LEU B 46 -16.91 -17.36 -9.48
CA LEU B 46 -16.09 -17.17 -10.66
C LEU B 46 -17.01 -17.10 -11.87
N GLN B 47 -16.95 -16.01 -12.63
CA GLN B 47 -17.78 -15.81 -13.82
C GLN B 47 -16.90 -15.96 -15.06
N LYS B 48 -17.54 -16.23 -16.19
CA LYS B 48 -16.85 -16.46 -17.46
C LYS B 48 -15.86 -15.33 -17.74
N GLY B 49 -14.63 -15.69 -18.07
CA GLY B 49 -13.61 -14.69 -18.40
C GLY B 49 -12.84 -14.11 -17.21
N ASP B 50 -13.27 -14.39 -15.99
CA ASP B 50 -12.55 -13.91 -14.81
C ASP B 50 -11.12 -14.44 -14.76
N LYS B 51 -10.23 -13.65 -14.16
CA LYS B 51 -8.83 -14.00 -14.02
C LYS B 51 -8.61 -15.02 -12.91
N VAL B 52 -7.70 -15.96 -13.16
CA VAL B 52 -7.19 -16.88 -12.15
C VAL B 52 -5.67 -16.82 -12.25
N PHE B 53 -5.01 -16.40 -11.17
CA PHE B 53 -3.57 -16.17 -11.18
C PHE B 53 -2.81 -17.43 -10.79
N VAL B 54 -1.75 -17.72 -11.51
CA VAL B 54 -0.95 -18.92 -11.25
C VAL B 54 0.49 -18.50 -10.97
N GLY B 55 1.08 -19.08 -9.93
CA GLY B 55 2.49 -18.89 -9.64
C GLY B 55 3.16 -20.24 -9.45
N ARG B 56 4.49 -20.24 -9.40
CA ARG B 56 5.23 -21.48 -9.19
C ARG B 56 6.56 -21.29 -8.48
N ASP B 57 7.10 -22.40 -7.99
CA ASP B 57 8.42 -22.42 -7.37
C ASP B 57 9.43 -22.95 -8.38
N LEU B 58 10.64 -23.28 -7.92
CA LEU B 58 11.74 -23.64 -8.80
C LEU B 58 11.99 -25.16 -8.90
N ARG B 59 11.03 -25.98 -8.51
CA ARG B 59 11.11 -27.44 -8.70
C ARG B 59 11.11 -27.76 -10.21
N PRO B 60 11.77 -28.86 -10.62
CA PRO B 60 11.86 -29.14 -12.07
C PRO B 60 10.53 -29.29 -12.80
N SER B 61 9.53 -29.86 -12.14
CA SER B 61 8.24 -30.12 -12.78
C SER B 61 7.31 -28.91 -12.74
N SER B 62 7.73 -27.83 -12.07
CA SER B 62 6.82 -26.71 -11.85
C SER B 62 6.38 -25.94 -13.10
N PRO B 63 7.29 -25.70 -14.07
CA PRO B 63 6.81 -25.04 -15.30
C PRO B 63 5.72 -25.84 -16.02
N ASP B 64 5.93 -27.15 -16.22
CA ASP B 64 4.91 -28.04 -16.80
C ASP B 64 3.58 -28.01 -16.02
N ILE B 65 3.66 -28.12 -14.70
CA ILE B 65 2.44 -28.19 -13.90
C ILE B 65 1.67 -26.86 -13.94
N ALA B 66 2.39 -25.73 -13.92
CA ALA B 66 1.78 -24.42 -14.08
C ALA B 66 1.09 -24.31 -15.45
N ALA B 67 1.72 -24.82 -16.48
CA ALA B 67 1.17 -24.77 -17.82
C ALA B 67 -0.10 -25.63 -17.94
N LEU B 68 -0.12 -26.78 -17.27
CA LEU B 68 -1.34 -27.62 -17.22
C LEU B 68 -2.50 -26.94 -16.48
N ALA B 69 -2.17 -26.31 -15.34
CA ALA B 69 -3.13 -25.53 -14.56
C ALA B 69 -3.70 -24.40 -15.41
N MET B 70 -2.82 -23.67 -16.08
CA MET B 70 -3.29 -22.58 -16.94
C MET B 70 -4.13 -23.07 -18.12
N GLY B 71 -3.78 -24.23 -18.68
CA GLY B 71 -4.60 -24.85 -19.71
C GLY B 71 -6.03 -25.15 -19.27
N ALA B 72 -6.17 -25.68 -18.05
CA ALA B 72 -7.49 -26.02 -17.50
C ALA B 72 -8.32 -24.77 -17.25
N ILE B 73 -7.67 -23.74 -16.71
CA ILE B 73 -8.32 -22.45 -16.45
C ILE B 73 -8.94 -21.89 -17.76
N GLU B 74 -8.15 -21.91 -18.82
CA GLU B 74 -8.56 -21.42 -20.12
C GLU B 74 -9.63 -22.30 -20.77
N ASP B 75 -9.47 -23.61 -20.66
CA ASP B 75 -10.46 -24.54 -21.22
C ASP B 75 -11.80 -24.39 -20.53
N ALA B 76 -11.78 -24.09 -19.23
CA ALA B 76 -12.99 -23.85 -18.47
C ALA B 76 -13.69 -22.54 -18.80
N GLY B 77 -13.04 -21.67 -19.58
CA GLY B 77 -13.63 -20.38 -20.00
C GLY B 77 -13.17 -19.17 -19.18
N PHE B 78 -12.11 -19.35 -18.39
CA PHE B 78 -11.59 -18.26 -17.56
C PHE B 78 -10.25 -17.80 -18.11
N THR B 79 -9.68 -16.78 -17.49
CA THR B 79 -8.45 -16.18 -18.00
C THR B 79 -7.23 -16.48 -17.10
N PRO B 80 -6.32 -17.37 -17.55
CA PRO B 80 -5.11 -17.63 -16.78
C PRO B 80 -4.15 -16.45 -16.81
N VAL B 81 -3.58 -16.10 -15.65
CA VAL B 81 -2.58 -15.06 -15.61
C VAL B 81 -1.33 -15.64 -15.01
N ASN B 82 -0.28 -15.65 -15.82
CA ASN B 82 0.99 -16.24 -15.43
C ASN B 82 1.77 -15.24 -14.59
N CYS B 83 1.95 -15.53 -13.31
CA CYS B 83 2.73 -14.66 -12.42
C CYS B 83 4.16 -15.16 -12.25
N GLY B 84 4.53 -16.20 -13.01
CA GLY B 84 5.91 -16.67 -13.03
C GLY B 84 6.31 -17.29 -11.69
N VAL B 85 7.57 -17.03 -11.31
CA VAL B 85 8.18 -17.58 -10.11
C VAL B 85 8.15 -16.50 -9.02
N LEU B 86 7.46 -16.79 -7.92
CA LEU B 86 7.32 -15.85 -6.81
C LEU B 86 6.85 -16.53 -5.54
N PRO B 87 6.97 -15.81 -4.41
CA PRO B 87 6.48 -16.38 -3.18
C PRO B 87 4.98 -16.65 -3.16
N THR B 88 4.60 -17.77 -2.56
CA THR B 88 3.18 -18.11 -2.36
C THR B 88 2.38 -16.91 -1.79
N PRO B 89 2.94 -16.21 -0.78
CA PRO B 89 2.22 -15.04 -0.23
C PRO B 89 2.16 -13.86 -1.18
N ALA B 90 3.12 -13.75 -2.10
CA ALA B 90 3.08 -12.67 -3.12
C ALA B 90 1.95 -12.90 -4.11
N LEU B 91 1.86 -14.13 -4.60
CA LEU B 91 0.77 -14.53 -5.50
C LEU B 91 -0.58 -14.28 -4.83
N SER B 92 -0.75 -14.79 -3.61
CA SER B 92 -2.01 -14.62 -2.89
CA SER B 92 -1.98 -14.61 -2.82
C SER B 92 -2.31 -13.15 -2.59
N TYR B 93 -1.30 -12.39 -2.15
CA TYR B 93 -1.51 -10.98 -1.86
C TYR B 93 -2.04 -10.26 -3.13
N TYR B 94 -1.40 -10.54 -4.27
CA TYR B 94 -1.76 -9.87 -5.52
C TYR B 94 -3.13 -10.32 -6.01
N ALA B 95 -3.38 -11.61 -6.00
CA ALA B 95 -4.67 -12.12 -6.46
C ALA B 95 -5.81 -11.71 -5.57
N MET B 96 -5.60 -11.77 -4.26
CA MET B 96 -6.63 -11.34 -3.31
C MET B 96 -6.94 -9.85 -3.47
N GLY B 97 -5.90 -9.05 -3.70
CA GLY B 97 -6.07 -7.63 -4.00
C GLY B 97 -6.89 -7.38 -5.26
N ALA B 98 -6.77 -8.28 -6.23
CA ALA B 98 -7.58 -8.21 -7.44
C ALA B 98 -8.91 -8.96 -7.31
N LYS B 99 -9.21 -9.46 -6.11
CA LYS B 99 -10.43 -10.23 -5.85
C LYS B 99 -10.55 -11.42 -6.79
N ALA B 100 -9.46 -12.13 -6.96
CA ALA B 100 -9.41 -13.29 -7.84
C ALA B 100 -8.83 -14.48 -7.10
N PRO B 101 -9.25 -15.68 -7.48
CA PRO B 101 -8.56 -16.87 -6.99
C PRO B 101 -7.16 -17.03 -7.59
N SER B 102 -6.38 -17.93 -7.00
CA SER B 102 -5.06 -18.21 -7.49
C SER B 102 -4.66 -19.64 -7.16
N ILE B 103 -3.66 -20.11 -7.90
CA ILE B 103 -3.09 -21.44 -7.72
C ILE B 103 -1.57 -21.31 -7.70
N MET B 104 -0.97 -21.77 -6.59
CA MET B 104 0.46 -21.85 -6.50
C MET B 104 0.94 -23.27 -6.70
N VAL B 105 1.87 -23.43 -7.65
CA VAL B 105 2.50 -24.70 -7.93
C VAL B 105 3.76 -24.85 -7.08
N THR B 106 3.66 -25.70 -6.06
CA THR B 106 4.78 -25.90 -5.15
C THR B 106 4.55 -27.10 -4.26
N GLY B 107 5.64 -27.74 -3.89
CA GLY B 107 5.61 -28.79 -2.86
C GLY B 107 6.00 -28.24 -1.50
N HIS B 109 7.79 -27.66 1.51
CA HIS B 109 8.95 -28.23 2.20
C HIS B 109 9.30 -29.64 1.74
N ILE B 110 8.42 -30.27 0.98
CA ILE B 110 8.45 -31.71 0.77
C ILE B 110 9.58 -32.11 -0.19
N PRO B 111 9.97 -33.39 -0.17
CA PRO B 111 11.10 -33.86 -0.98
C PRO B 111 11.05 -33.51 -2.48
N ASP B 112 12.21 -33.59 -3.14
CA ASP B 112 12.37 -33.05 -4.48
C ASP B 112 11.85 -33.96 -5.59
N ASP B 113 11.36 -35.16 -5.24
CA ASP B 113 10.59 -35.99 -6.18
C ASP B 113 9.08 -35.74 -6.05
N ARG B 114 8.69 -34.69 -5.32
CA ARG B 114 7.27 -34.37 -5.13
C ARG B 114 6.97 -32.93 -5.59
N ASN B 115 5.68 -32.66 -5.81
CA ASN B 115 5.21 -31.29 -6.02
C ASN B 115 3.77 -31.17 -5.52
N GLY B 116 3.11 -30.05 -5.80
CA GLY B 116 1.75 -29.86 -5.37
C GLY B 116 1.11 -28.60 -5.90
N LEU B 117 -0.14 -28.40 -5.51
CA LEU B 117 -0.96 -27.22 -5.80
C LEU B 117 -1.53 -26.66 -4.50
N LYS B 118 -1.34 -25.37 -4.29
CA LYS B 118 -1.95 -24.66 -3.18
C LYS B 118 -3.02 -23.71 -3.75
N PHE B 119 -4.26 -23.90 -3.30
CA PHE B 119 -5.42 -23.21 -3.86
C PHE B 119 -5.87 -22.05 -2.99
N TYR B 120 -6.17 -20.93 -3.64
CA TYR B 120 -6.66 -19.73 -2.97
C TYR B 120 -7.94 -19.22 -3.60
N ARG B 121 -8.91 -18.93 -2.74
CA ARG B 121 -10.10 -18.17 -3.12
C ARG B 121 -9.73 -16.69 -3.10
N ARG B 122 -10.62 -15.86 -3.62
CA ARG B 122 -10.41 -14.40 -3.66
C ARG B 122 -10.15 -13.78 -2.29
N ASP B 123 -10.62 -14.43 -1.23
CA ASP B 123 -10.49 -13.90 0.13
C ASP B 123 -9.56 -14.72 1.01
N GLY B 124 -8.89 -15.73 0.44
CA GLY B 124 -7.89 -16.46 1.19
C GLY B 124 -7.68 -17.90 0.77
N GLU B 125 -6.95 -18.62 1.61
CA GLU B 125 -6.71 -20.04 1.42
C GLU B 125 -8.03 -20.79 1.40
N ILE B 126 -8.08 -21.88 0.64
CA ILE B 126 -9.26 -22.74 0.70
C ILE B 126 -9.30 -23.38 2.09
N ASP B 127 -10.50 -23.68 2.55
CA ASP B 127 -10.68 -24.35 3.84
C ASP B 127 -10.93 -25.84 3.61
N LYS B 128 -11.12 -26.58 4.71
CA LYS B 128 -11.29 -28.03 4.66
C LYS B 128 -12.58 -28.47 3.96
N ASP B 129 -13.63 -27.63 3.99
CA ASP B 129 -14.83 -27.88 3.20
C ASP B 129 -14.54 -27.75 1.72
N ASP B 130 -13.80 -26.70 1.35
CA ASP B 130 -13.36 -26.50 -0.04
C ASP B 130 -12.58 -27.73 -0.53
N GLU B 131 -11.63 -28.20 0.28
CA GLU B 131 -10.83 -29.39 -0.06
C GLU B 131 -11.74 -30.56 -0.41
N ALA B 132 -12.78 -30.79 0.40
CA ALA B 132 -13.72 -31.88 0.12
C ALA B 132 -14.55 -31.68 -1.15
N ALA B 133 -14.97 -30.44 -1.38
CA ALA B 133 -15.76 -30.12 -2.59
C ALA B 133 -14.89 -30.26 -3.84
N ILE B 134 -13.61 -29.88 -3.76
CA ILE B 134 -12.71 -30.06 -4.88
C ILE B 134 -12.55 -31.56 -5.19
N SER B 135 -12.26 -32.35 -4.15
CA SER B 135 -12.08 -33.80 -4.31
C SER B 135 -13.35 -34.47 -4.88
N ALA B 136 -14.51 -34.05 -4.40
CA ALA B 136 -15.79 -34.54 -4.93
C ALA B 136 -15.96 -34.16 -6.39
N ALA B 137 -15.68 -32.90 -6.75
CA ALA B 137 -15.77 -32.46 -8.15
C ALA B 137 -14.78 -33.20 -9.03
N TYR B 138 -13.55 -33.37 -8.55
CA TYR B 138 -12.53 -34.14 -9.25
C TYR B 138 -13.02 -35.55 -9.57
N ARG B 139 -13.62 -36.19 -8.56
CA ARG B 139 -14.19 -37.54 -8.67
C ARG B 139 -15.26 -37.62 -9.76
N LYS B 140 -16.02 -36.55 -9.96
CA LYS B 140 -17.11 -36.52 -10.95
C LYS B 140 -16.69 -36.05 -12.35
N LEU B 141 -15.41 -35.75 -12.56
CA LEU B 141 -14.97 -35.34 -13.91
C LEU B 141 -15.04 -36.53 -14.87
N PRO B 142 -15.22 -36.26 -16.19
CA PRO B 142 -15.27 -37.34 -17.18
C PRO B 142 -14.05 -38.25 -17.13
N ALA B 143 -14.19 -39.47 -17.63
CA ALA B 143 -13.17 -40.53 -17.45
C ALA B 143 -11.82 -40.19 -18.16
N ILE B 144 -11.93 -39.58 -19.35
CA ILE B 144 -10.74 -39.27 -20.15
C ILE B 144 -10.76 -37.81 -20.64
N LEU B 145 -10.21 -36.91 -19.83
CA LEU B 145 -10.12 -35.50 -20.18
C LEU B 145 -9.01 -35.24 -21.20
N ALA B 146 -9.18 -34.20 -22.00
CA ALA B 146 -8.10 -33.79 -22.89
C ALA B 146 -7.30 -32.74 -22.15
N ALA B 147 -6.30 -33.20 -21.40
CA ALA B 147 -5.38 -32.32 -20.70
C ALA B 147 -4.57 -31.56 -21.72
N ARG B 148 -4.23 -30.31 -21.43
CA ARG B 148 -3.37 -29.53 -22.31
C ARG B 148 -2.73 -28.34 -21.58
N LYS B 149 -1.61 -27.91 -22.14
CA LYS B 149 -0.78 -26.90 -21.55
C LYS B 149 -0.96 -25.53 -22.17
N HIS B 150 -0.72 -24.52 -21.34
CA HIS B 150 -0.36 -23.17 -21.75
C HIS B 150 -1.56 -22.21 -21.81
N VAL B 151 -1.45 -21.14 -22.61
CA VAL B 151 -2.08 -19.84 -22.36
C VAL B 151 -1.15 -19.16 -21.34
N GLY B 152 -1.36 -17.87 -21.06
CA GLY B 152 -0.53 -17.17 -20.08
C GLY B 152 -0.88 -15.71 -19.79
N THR B 156 3.72 -11.62 -16.01
CA THR B 156 3.55 -10.60 -14.94
C THR B 156 4.70 -10.56 -13.92
N ASP B 157 5.43 -9.43 -13.91
CA ASP B 157 6.30 -8.99 -12.82
C ASP B 157 5.61 -7.95 -11.91
N ALA B 158 4.35 -7.68 -12.22
CA ALA B 158 3.50 -6.82 -11.40
C ALA B 158 3.34 -7.35 -9.97
N ALA B 159 3.09 -8.66 -9.84
CA ALA B 159 2.83 -9.30 -8.55
C ALA B 159 4.02 -9.20 -7.61
N LEU B 160 5.20 -9.55 -8.12
CA LEU B 160 6.44 -9.39 -7.37
C LEU B 160 6.60 -7.95 -6.89
N GLN B 161 6.44 -7.00 -7.81
CA GLN B 161 6.61 -5.59 -7.52
C GLN B 161 5.60 -5.07 -6.49
N ALA B 162 4.34 -5.50 -6.60
CA ALA B 162 3.34 -5.15 -5.58
C ALA B 162 3.72 -5.71 -4.20
N TYR B 163 4.15 -6.95 -4.17
CA TYR B 163 4.58 -7.60 -2.93
C TYR B 163 5.78 -6.87 -2.33
N ALA B 164 6.74 -6.52 -3.16
CA ALA B 164 7.89 -5.76 -2.71
C ALA B 164 7.44 -4.43 -2.09
N ASP B 165 6.53 -3.74 -2.79
CA ASP B 165 6.04 -2.43 -2.38
C ASP B 165 5.31 -2.48 -1.05
N ARG B 166 4.54 -3.55 -0.82
CA ARG B 166 3.94 -3.81 0.49
C ARG B 166 4.90 -3.58 1.65
N TYR B 167 6.11 -4.10 1.55
CA TYR B 167 7.08 -4.02 2.67
C TYR B 167 7.89 -2.74 2.61
N ALA B 168 8.28 -2.33 1.40
CA ALA B 168 9.04 -1.10 1.23
C ALA B 168 8.25 0.10 1.73
N GLY B 169 6.98 0.16 1.34
CA GLY B 169 6.08 1.24 1.73
C GLY B 169 5.67 1.22 3.19
N PHE B 170 5.74 0.06 3.83
CA PHE B 170 5.36 -0.04 5.23
C PHE B 170 6.51 0.36 6.14
N LEU B 171 7.70 -0.19 5.90
CA LEU B 171 8.85 0.19 6.71
C LEU B 171 9.44 1.55 6.29
N GLY B 172 9.38 1.85 4.99
CA GLY B 172 9.93 3.10 4.43
C GLY B 172 11.32 2.90 3.86
N LYS B 173 11.62 3.59 2.75
CA LYS B 173 12.93 3.50 2.09
C LYS B 173 14.03 3.94 3.07
N GLY B 174 15.12 3.18 3.12
CA GLY B 174 16.27 3.53 3.97
C GLY B 174 16.09 3.35 5.48
N SER B 175 14.94 2.82 5.90
CA SER B 175 14.56 2.74 7.33
C SER B 175 15.40 1.74 8.15
N LEU B 176 16.15 0.86 7.48
CA LEU B 176 17.05 -0.06 8.18
C LEU B 176 18.53 0.23 7.89
N ASN B 177 18.85 1.47 7.49
CA ASN B 177 20.22 1.81 7.15
C ASN B 177 21.13 1.46 8.31
N GLY B 178 22.29 0.86 8.00
CA GLY B 178 23.26 0.47 9.01
C GLY B 178 23.38 -1.03 9.17
N LEU B 179 22.32 -1.76 8.80
CA LEU B 179 22.37 -3.22 8.88
C LEU B 179 23.12 -3.83 7.67
N ARG B 180 23.79 -4.95 7.94
CA ARG B 180 24.42 -5.75 6.92
C ARG B 180 23.96 -7.20 7.10
N VAL B 181 23.33 -7.75 6.08
CA VAL B 181 22.59 -8.98 6.24
C VAL B 181 22.92 -9.94 5.11
N GLY B 182 23.20 -11.18 5.48
CA GLY B 182 23.42 -12.23 4.52
C GLY B 182 22.08 -12.71 4.01
N VAL B 183 22.03 -13.03 2.71
CA VAL B 183 20.85 -13.65 2.13
C VAL B 183 21.24 -15.03 1.62
N TYR B 184 20.82 -16.05 2.36
CA TYR B 184 21.03 -17.44 1.94
C TYR B 184 20.00 -17.75 0.86
N GLN B 185 20.47 -17.81 -0.37
CA GLN B 185 19.61 -17.83 -1.53
C GLN B 185 19.09 -19.23 -1.91
N HIS B 186 19.98 -20.22 -1.83
CA HIS B 186 19.72 -21.58 -2.34
C HIS B 186 18.77 -21.54 -3.57
N SER B 187 17.62 -22.20 -3.53
CA SER B 187 16.62 -22.12 -4.61
C SER B 187 15.31 -21.48 -4.14
N SER B 188 15.42 -20.56 -3.18
CA SER B 188 14.27 -19.77 -2.71
C SER B 188 13.73 -18.88 -3.83
N VAL B 189 12.43 -18.94 -4.07
CA VAL B 189 11.78 -18.01 -5.00
C VAL B 189 11.94 -16.55 -4.57
N ALA B 190 12.36 -16.29 -3.32
CA ALA B 190 12.60 -14.91 -2.87
C ALA B 190 14.06 -14.52 -2.86
N ARG B 191 14.92 -15.38 -3.41
CA ARG B 191 16.37 -15.15 -3.33
C ARG B 191 16.78 -13.80 -3.91
N ASP B 192 16.13 -13.37 -5.00
CA ASP B 192 16.49 -12.10 -5.64
C ASP B 192 15.69 -10.92 -5.07
N LEU B 193 14.42 -11.18 -4.78
CA LEU B 193 13.55 -10.21 -4.11
C LEU B 193 14.17 -9.67 -2.82
N LEU B 194 14.71 -10.57 -2.01
CA LEU B 194 15.31 -10.17 -0.74
C LEU B 194 16.49 -9.25 -0.97
N MET B 195 17.28 -9.48 -2.04
CA MET B 195 18.40 -8.60 -2.34
C MET B 195 17.91 -7.17 -2.67
N TYR B 196 16.97 -7.03 -3.59
CA TYR B 196 16.50 -5.69 -3.97
C TYR B 196 15.71 -4.97 -2.87
N LEU B 197 14.85 -5.71 -2.16
CA LEU B 197 14.05 -5.13 -1.09
C LEU B 197 14.91 -4.66 0.08
N LEU B 198 15.85 -5.49 0.51
CA LEU B 198 16.79 -5.09 1.56
C LEU B 198 17.58 -3.85 1.16
N THR B 199 18.05 -3.84 -0.09
CA THR B 199 18.74 -2.66 -0.61
C THR B 199 17.82 -1.43 -0.51
N THR B 200 16.59 -1.56 -0.97
CA THR B 200 15.63 -0.44 -0.86
C THR B 200 15.46 0.02 0.59
N LEU B 201 15.48 -0.91 1.53
CA LEU B 201 15.33 -0.56 2.94
C LEU B 201 16.60 0.01 3.59
N GLY B 202 17.69 0.11 2.82
CA GLY B 202 18.97 0.66 3.32
C GLY B 202 19.91 -0.38 3.93
N VAL B 203 19.50 -1.65 3.92
CA VAL B 203 20.37 -2.74 4.36
C VAL B 203 21.41 -3.01 3.26
N GLU B 204 22.63 -3.39 3.63
CA GLU B 204 23.60 -3.95 2.68
C GLU B 204 23.43 -5.46 2.68
N PRO B 205 22.84 -6.02 1.62
CA PRO B 205 22.68 -7.45 1.61
C PRO B 205 23.85 -8.16 0.92
N VAL B 206 24.11 -9.38 1.34
CA VAL B 206 25.18 -10.17 0.74
C VAL B 206 24.65 -11.52 0.34
N ALA B 207 24.73 -11.82 -0.96
CA ALA B 207 24.23 -13.10 -1.52
C ALA B 207 25.10 -14.26 -1.08
N LEU B 208 24.46 -15.33 -0.61
CA LEU B 208 25.17 -16.47 -0.11
C LEU B 208 24.52 -17.74 -0.58
N GLY B 209 25.35 -18.69 -1.03
CA GLY B 209 24.88 -20.06 -1.27
C GLY B 209 23.74 -20.22 -2.25
N ARG B 210 23.82 -19.53 -3.39
CA ARG B 210 22.82 -19.73 -4.44
C ARG B 210 22.98 -21.12 -5.04
N SER B 211 21.86 -21.77 -5.36
CA SER B 211 21.91 -23.11 -5.94
C SER B 211 21.21 -23.16 -7.30
N ASP B 212 21.84 -23.78 -8.28
CA ASP B 212 21.19 -23.99 -9.56
C ASP B 212 20.34 -25.27 -9.59
N ILE B 213 20.35 -26.01 -8.47
CA ILE B 213 19.55 -27.23 -8.29
C ILE B 213 18.53 -26.94 -7.20
N PHE B 214 17.35 -27.54 -7.29
CA PHE B 214 16.33 -27.30 -6.27
C PHE B 214 16.73 -27.94 -4.93
N VAL B 215 16.65 -27.16 -3.86
CA VAL B 215 16.99 -27.61 -2.50
C VAL B 215 15.72 -27.62 -1.66
N PRO B 216 15.22 -28.82 -1.31
CA PRO B 216 14.06 -28.82 -0.44
C PRO B 216 14.44 -28.41 1.00
N VAL B 217 13.95 -27.27 1.46
CA VAL B 217 14.23 -26.81 2.80
C VAL B 217 13.00 -27.05 3.66
N ASP B 218 13.19 -27.68 4.82
CA ASP B 218 12.13 -27.85 5.82
C ASP B 218 12.58 -27.12 7.08
N THR B 219 11.95 -25.99 7.37
CA THR B 219 12.38 -25.14 8.50
C THR B 219 12.07 -25.75 9.86
N GLU B 220 11.32 -26.86 9.89
CA GLU B 220 11.15 -27.66 11.12
C GLU B 220 12.07 -28.90 11.18
N ALA B 221 12.96 -29.05 10.18
CA ALA B 221 13.94 -30.13 10.16
C ALA B 221 15.09 -29.70 9.27
N LEU B 222 15.86 -28.70 9.70
CA LEU B 222 16.94 -28.21 8.86
C LEU B 222 17.99 -29.28 8.65
N ARG B 223 18.57 -29.29 7.46
CA ARG B 223 19.67 -30.20 7.18
C ARG B 223 20.87 -29.77 8.04
N PRO B 224 21.63 -30.74 8.57
CA PRO B 224 22.87 -30.36 9.25
C PRO B 224 23.74 -29.46 8.39
N GLU B 225 23.71 -29.65 7.06
CA GLU B 225 24.45 -28.82 6.10
C GLU B 225 24.06 -27.36 6.17
N ASP B 226 22.77 -27.10 6.25
CA ASP B 226 22.29 -25.71 6.30
C ASP B 226 22.63 -25.03 7.61
N ILE B 227 22.55 -25.79 8.69
CA ILE B 227 22.97 -25.32 10.01
C ILE B 227 24.46 -24.98 10.00
N ALA B 228 25.26 -25.85 9.40
CA ALA B 228 26.71 -25.59 9.30
C ALA B 228 26.98 -24.36 8.43
N LEU B 229 26.24 -24.22 7.33
CA LEU B 229 26.44 -23.08 6.44
C LEU B 229 26.10 -21.77 7.14
N LEU B 230 24.99 -21.76 7.86
CA LEU B 230 24.56 -20.55 8.56
C LEU B 230 25.58 -20.14 9.60
N ALA B 231 26.12 -21.11 10.33
CA ALA B 231 27.17 -20.85 11.31
C ALA B 231 28.44 -20.27 10.67
N GLN B 232 28.87 -20.89 9.57
CA GLN B 232 30.08 -20.49 8.87
C GLN B 232 29.98 -19.07 8.29
N TRP B 233 28.83 -18.75 7.69
CA TRP B 233 28.65 -17.44 7.12
C TRP B 233 28.47 -16.41 8.23
N GLY B 234 27.72 -16.79 9.24
CA GLY B 234 27.32 -15.89 10.29
C GLY B 234 28.37 -15.66 11.34
N LYS B 235 29.43 -16.46 11.32
CA LYS B 235 30.57 -16.26 12.22
C LYS B 235 31.37 -15.02 11.85
N SER B 236 31.18 -14.50 10.64
CA SER B 236 31.78 -13.22 10.27
C SER B 236 31.20 -12.12 11.16
N ASP B 237 32.08 -11.27 11.70
CA ASP B 237 31.64 -10.10 12.47
C ASP B 237 30.97 -9.05 11.56
N ARG B 238 30.92 -9.30 10.25
CA ARG B 238 30.40 -8.35 9.28
C ARG B 238 28.87 -8.43 9.05
N LEU B 239 28.25 -9.53 9.48
CA LEU B 239 26.82 -9.72 9.26
C LEU B 239 26.04 -9.65 10.56
N ASP B 240 24.97 -8.85 10.57
CA ASP B 240 24.07 -8.74 11.73
C ASP B 240 23.06 -9.91 11.79
N ALA B 241 22.85 -10.54 10.65
CA ALA B 241 21.92 -11.66 10.55
C ALA B 241 22.11 -12.29 9.20
N ILE B 242 21.59 -13.51 9.09
CA ILE B 242 21.41 -14.15 7.82
C ILE B 242 19.92 -14.46 7.67
N VAL B 243 19.38 -14.09 6.51
CA VAL B 243 17.97 -14.35 6.23
C VAL B 243 17.75 -15.15 4.96
N SER B 244 16.65 -15.90 4.95
CA SER B 244 16.35 -16.79 3.87
C SER B 244 14.87 -17.17 3.99
N THR B 245 14.43 -18.02 3.08
CA THR B 245 13.11 -18.62 3.18
C THR B 245 13.21 -20.04 2.71
N ASP B 246 12.11 -20.78 2.79
CA ASP B 246 12.07 -22.09 2.19
C ASP B 246 11.74 -21.91 0.68
N GLY B 247 11.45 -23.02 -0.02
CA GLY B 247 11.31 -23.03 -1.48
C GLY B 247 10.32 -22.04 -2.09
N ASP B 248 9.11 -22.01 -1.52
CA ASP B 248 8.03 -21.16 -2.03
C ASP B 248 7.87 -19.88 -1.19
N ALA B 249 8.76 -19.71 -0.22
CA ALA B 249 8.89 -18.47 0.55
C ALA B 249 7.64 -18.10 1.32
N ASP B 250 6.97 -19.11 1.87
CA ASP B 250 5.95 -18.83 2.88
C ASP B 250 6.50 -18.98 4.32
N ARG B 251 7.74 -19.48 4.44
CA ARG B 251 8.40 -19.61 5.73
C ARG B 251 9.74 -18.91 5.76
N PRO B 252 10.03 -18.19 6.83
CA PRO B 252 11.33 -17.57 6.96
C PRO B 252 12.36 -18.59 7.43
N LEU B 253 13.62 -18.27 7.23
CA LEU B 253 14.73 -19.02 7.81
C LEU B 253 15.71 -17.94 8.21
N ILE B 254 15.80 -17.72 9.51
CA ILE B 254 16.53 -16.59 10.07
C ILE B 254 17.60 -17.10 11.02
N ALA B 255 18.80 -16.52 10.89
CA ALA B 255 19.88 -16.75 11.82
C ALA B 255 20.39 -15.41 12.37
N ASP B 256 20.91 -15.46 13.59
CA ASP B 256 21.37 -14.27 14.29
C ASP B 256 22.78 -13.85 13.87
N GLU B 257 23.34 -12.88 14.60
CA GLU B 257 24.62 -12.31 14.27
C GLU B 257 25.77 -13.30 14.46
N HIS B 258 25.51 -14.47 15.05
CA HIS B 258 26.52 -15.53 15.16
C HIS B 258 26.24 -16.70 14.21
N GLY B 259 25.24 -16.54 13.35
CA GLY B 259 24.81 -17.62 12.47
C GLY B 259 24.05 -18.75 13.16
N GLN B 260 23.45 -18.48 14.31
CA GLN B 260 22.63 -19.45 15.00
C GLN B 260 21.17 -19.29 14.59
N PHE B 261 20.54 -20.41 14.24
CA PHE B 261 19.13 -20.47 13.83
C PHE B 261 18.19 -19.94 14.93
N VAL B 262 17.31 -19.04 14.53
CA VAL B 262 16.18 -18.60 15.36
C VAL B 262 14.97 -19.44 14.91
N ARG B 263 14.55 -20.34 15.78
CA ARG B 263 13.40 -21.18 15.48
C ARG B 263 12.17 -20.34 15.11
N GLY B 264 11.40 -20.85 14.18
CA GLY B 264 10.28 -20.11 13.59
C GLY B 264 9.26 -19.58 14.58
N ASP B 265 9.00 -20.33 15.66
CA ASP B 265 8.05 -19.84 16.67
C ASP B 265 8.61 -18.65 17.45
N LEU B 266 9.92 -18.54 17.56
CA LEU B 266 10.55 -17.42 18.26
C LEU B 266 10.57 -16.18 17.35
N ALA B 267 10.80 -16.39 16.05
CA ALA B 267 10.63 -15.33 15.06
C ALA B 267 9.18 -14.81 15.04
N GLY B 268 8.26 -15.74 15.21
CA GLY B 268 6.84 -15.43 15.31
C GLY B 268 6.55 -14.56 16.54
N ALA B 269 7.07 -14.94 17.70
CA ALA B 269 6.94 -14.13 18.94
C ALA B 269 7.52 -12.73 18.80
N ILE B 270 8.71 -12.66 18.21
CA ILE B 270 9.36 -11.37 17.95
C ILE B 270 8.47 -10.52 17.04
N THR B 271 7.86 -11.16 16.04
CA THR B 271 6.95 -10.49 15.11
C THR B 271 5.67 -10.02 15.84
N ALA B 272 5.08 -10.87 16.66
CA ALA B 272 3.89 -10.49 17.46
C ALA B 272 4.15 -9.25 18.33
N THR B 273 5.30 -9.24 19.01
CA THR B 273 5.70 -8.07 19.76
C THR B 273 5.81 -6.85 18.84
N TRP B 274 6.45 -7.02 17.69
CA TRP B 274 6.74 -5.89 16.82
C TRP B 274 5.45 -5.27 16.29
N VAL B 275 4.45 -6.07 15.94
CA VAL B 275 3.20 -5.53 15.42
C VAL B 275 2.19 -5.16 16.52
N GLY B 276 2.58 -5.34 17.78
CA GLY B 276 1.72 -4.98 18.92
C GLY B 276 0.49 -5.88 19.05
N ALA B 277 0.67 -7.15 18.70
CA ALA B 277 -0.44 -8.11 18.66
C ALA B 277 -1.16 -8.26 20.00
N ASP B 278 -2.49 -8.33 19.91
CA ASP B 278 -3.39 -8.56 21.04
C ASP B 278 -3.64 -10.05 21.28
N THR B 279 -3.87 -10.78 20.22
CA THR B 279 -4.13 -12.20 20.31
C THR B 279 -3.23 -12.93 19.35
N LEU B 280 -2.64 -14.02 19.84
CA LEU B 280 -1.80 -14.87 19.06
C LEU B 280 -2.52 -16.17 18.87
N VAL B 281 -2.38 -16.74 17.66
CA VAL B 281 -2.96 -18.03 17.33
C VAL B 281 -1.83 -18.90 16.80
N THR B 282 -1.62 -20.08 17.39
CA THR B 282 -0.50 -20.93 16.98
C THR B 282 -0.73 -22.40 17.28
N PRO B 283 -0.14 -23.30 16.47
CA PRO B 283 -0.39 -24.70 16.82
C PRO B 283 0.27 -25.18 18.13
N VAL B 284 -0.21 -26.34 18.57
CA VAL B 284 0.24 -26.97 19.81
C VAL B 284 1.74 -27.24 19.82
N THR B 285 2.38 -27.25 18.65
CA THR B 285 3.80 -27.55 18.56
C THR B 285 4.68 -26.33 18.83
N SER B 286 4.10 -25.13 18.93
CA SER B 286 4.89 -23.95 19.25
C SER B 286 5.35 -23.97 20.71
N ASN B 287 6.48 -23.33 20.95
CA ASN B 287 7.16 -23.35 22.23
C ASN B 287 6.19 -23.07 23.37
N THR B 288 6.24 -23.90 24.42
CA THR B 288 5.33 -23.75 25.54
C THR B 288 5.58 -22.47 26.34
N ALA B 289 6.75 -21.84 26.16
CA ALA B 289 7.04 -20.58 26.84
C ALA B 289 6.28 -19.36 26.27
N LEU B 290 5.59 -19.53 25.17
CA LEU B 290 4.84 -18.43 24.57
C LEU B 290 3.86 -17.76 25.58
N GLU B 291 3.08 -18.57 26.29
CA GLU B 291 2.06 -18.08 27.21
C GLU B 291 2.66 -17.31 28.42
N SER B 292 3.94 -17.49 28.70
CA SER B 292 4.61 -16.73 29.73
C SER B 292 4.70 -15.25 29.36
N ARG B 293 4.83 -14.95 28.06
CA ARG B 293 4.94 -13.56 27.62
C ARG B 293 3.59 -12.97 27.19
N PHE B 294 2.83 -13.75 26.42
CA PHE B 294 1.61 -13.29 25.78
C PHE B 294 0.38 -13.84 26.50
N PRO B 295 -0.52 -12.96 27.00
CA PRO B 295 -1.64 -13.44 27.81
C PRO B 295 -2.83 -14.00 27.03
N LYS B 296 -2.86 -13.85 25.72
CA LYS B 296 -3.97 -14.38 24.92
C LYS B 296 -3.41 -15.16 23.74
N VAL B 297 -3.32 -16.46 23.94
CA VAL B 297 -2.78 -17.37 22.94
C VAL B 297 -3.82 -18.47 22.73
N LEU B 298 -4.27 -18.60 21.49
CA LEU B 298 -5.17 -19.66 21.08
C LEU B 298 -4.36 -20.74 20.44
N ARG B 299 -4.43 -21.94 21.01
CA ARG B 299 -3.68 -23.11 20.54
C ARG B 299 -4.51 -23.94 19.58
N THR B 300 -3.90 -24.37 18.47
CA THR B 300 -4.63 -25.09 17.43
C THR B 300 -3.92 -26.37 17.04
N ARG B 301 -4.58 -27.16 16.20
CA ARG B 301 -3.91 -28.23 15.46
C ARG B 301 -2.90 -27.61 14.51
N VAL B 302 -1.94 -28.44 14.07
CA VAL B 302 -0.93 -28.00 13.13
C VAL B 302 -1.53 -27.86 11.75
N GLY B 303 -1.26 -26.74 11.07
CA GLY B 303 -1.68 -26.52 9.69
C GLY B 303 -2.33 -25.16 9.54
N SER B 304 -2.04 -24.49 8.42
CA SER B 304 -2.57 -23.15 8.16
C SER B 304 -4.11 -23.06 8.23
N PRO B 305 -4.83 -24.06 7.69
CA PRO B 305 -6.29 -23.93 7.77
C PRO B 305 -6.86 -23.93 9.19
N TYR B 306 -6.22 -24.65 10.11
CA TYR B 306 -6.61 -24.64 11.52
C TYR B 306 -6.26 -23.31 12.18
N VAL B 307 -5.09 -22.76 11.86
CA VAL B 307 -4.70 -21.46 12.40
C VAL B 307 -5.68 -20.38 11.92
N ILE B 308 -5.99 -20.40 10.62
CA ILE B 308 -6.92 -19.43 10.02
C ILE B 308 -8.30 -19.51 10.62
N ALA B 309 -8.80 -20.72 10.83
CA ALA B 309 -10.17 -20.89 11.33
C ALA B 309 -10.28 -20.34 12.75
N SER B 310 -9.24 -20.49 13.57
CA SER B 310 -9.23 -19.86 14.89
C SER B 310 -9.05 -18.34 14.82
N MET B 311 -8.16 -17.86 13.96
CA MET B 311 -8.01 -16.42 13.77
C MET B 311 -9.34 -15.76 13.39
N ALA B 312 -10.05 -16.36 12.46
CA ALA B 312 -11.33 -15.84 11.99
C ALA B 312 -12.36 -15.65 13.09
N GLN B 313 -12.32 -16.49 14.13
CA GLN B 313 -13.29 -16.36 15.21
C GLN B 313 -12.92 -15.25 16.22
N VAL B 314 -11.71 -14.69 16.15
CA VAL B 314 -11.26 -13.67 17.13
C VAL B 314 -11.74 -12.29 16.75
N GLY B 320 -4.87 -4.05 19.56
CA GLY B 320 -3.99 -4.49 18.46
C GLY B 320 -4.47 -5.65 17.61
N PRO B 321 -3.61 -6.09 16.70
CA PRO B 321 -4.00 -7.10 15.71
C PRO B 321 -4.09 -8.54 16.24
N VAL B 322 -4.76 -9.36 15.46
CA VAL B 322 -4.72 -10.80 15.61
C VAL B 322 -3.59 -11.29 14.72
N ILE B 323 -2.67 -12.07 15.31
CA ILE B 323 -1.58 -12.66 14.56
C ILE B 323 -1.53 -14.18 14.72
N GLY B 324 -1.37 -14.85 13.59
CA GLY B 324 -1.17 -16.29 13.55
C GLY B 324 0.25 -16.62 13.11
N PHE B 325 0.79 -17.70 13.65
CA PHE B 325 2.06 -18.23 13.16
C PHE B 325 2.27 -19.68 13.59
N GLU B 326 3.17 -20.37 12.89
CA GLU B 326 3.45 -21.75 13.20
C GLU B 326 4.92 -21.87 13.54
N ALA B 327 5.29 -23.03 14.06
CA ALA B 327 6.68 -23.27 14.45
C ALA B 327 7.60 -23.31 13.21
N ASN B 328 7.00 -23.49 12.04
CA ASN B 328 7.72 -23.35 10.79
C ASN B 328 8.13 -21.92 10.44
N GLY B 329 7.66 -20.95 11.22
CA GLY B 329 8.04 -19.55 11.09
C GLY B 329 7.11 -18.68 10.23
N GLY B 330 6.23 -19.31 9.45
CA GLY B 330 5.29 -18.56 8.63
C GLY B 330 4.35 -17.74 9.49
N VAL B 331 4.13 -16.49 9.11
CA VAL B 331 3.28 -15.59 9.88
C VAL B 331 2.06 -15.21 9.06
N LEU B 332 0.90 -15.33 9.71
CA LEU B 332 -0.38 -15.03 9.11
C LEU B 332 -0.93 -13.79 9.80
N LEU B 333 -0.82 -12.65 9.13
CA LEU B 333 -1.29 -11.39 9.71
C LEU B 333 -2.79 -11.29 9.51
N GLY B 334 -3.52 -11.24 10.61
CA GLY B 334 -4.98 -11.32 10.61
C GLY B 334 -5.69 -10.00 10.57
N SER B 335 -4.98 -8.93 10.93
CA SER B 335 -5.56 -7.60 10.99
C SER B 335 -4.63 -6.61 10.33
N THR B 336 -5.19 -5.58 9.71
CA THR B 336 -4.37 -4.47 9.25
C THR B 336 -3.61 -3.83 10.43
N VAL B 337 -2.32 -3.64 10.24
CA VAL B 337 -1.43 -3.03 11.23
C VAL B 337 -1.14 -1.61 10.76
N GLU B 338 -1.24 -0.66 11.68
CA GLU B 338 -1.00 0.72 11.35
C GLU B 338 0.26 1.15 12.07
N ARG B 339 0.98 2.06 11.42
CA ARG B 339 2.16 2.65 12.03
C ARG B 339 2.42 3.96 11.32
N ASN B 340 2.37 5.04 12.10
CA ASN B 340 2.76 6.32 11.61
C ASN B 340 1.98 6.72 10.36
N GLY B 341 0.70 6.38 10.36
CA GLY B 341 -0.19 6.71 9.26
C GLY B 341 -0.10 5.77 8.07
N ARG B 342 0.80 4.78 8.15
CA ARG B 342 1.06 3.83 7.08
C ARG B 342 0.58 2.45 7.49
N SER B 343 0.00 1.72 6.53
CA SER B 343 -0.70 0.48 6.81
C SER B 343 -0.07 -0.75 6.18
N LEU B 344 -0.13 -1.85 6.91
CA LEU B 344 0.19 -3.18 6.38
C LEU B 344 -1.10 -3.99 6.47
N THR B 345 -1.71 -4.27 5.31
CA THR B 345 -3.04 -4.89 5.28
C THR B 345 -2.93 -6.36 5.63
N ALA B 346 -4.03 -6.89 6.16
CA ALA B 346 -4.10 -8.28 6.56
C ALA B 346 -3.75 -9.19 5.38
N LEU B 347 -3.09 -10.29 5.67
CA LEU B 347 -2.76 -11.29 4.66
C LEU B 347 -2.83 -12.64 5.36
N PRO B 348 -4.02 -13.23 5.46
CA PRO B 348 -4.20 -14.41 6.31
C PRO B 348 -3.70 -15.71 5.64
N THR B 349 -2.42 -15.72 5.32
CA THR B 349 -1.74 -16.89 4.78
C THR B 349 -0.29 -16.73 5.16
N ARG B 350 0.46 -17.81 5.19
CA ARG B 350 1.81 -17.74 5.76
C ARG B 350 2.72 -16.82 4.94
N ASP B 351 3.46 -15.97 5.64
CA ASP B 351 4.39 -15.04 5.06
C ASP B 351 5.77 -15.21 5.70
N ALA B 352 6.81 -15.08 4.88
CA ALA B 352 8.19 -15.07 5.35
C ALA B 352 8.75 -13.67 5.49
N LEU B 353 8.38 -12.76 4.60
CA LEU B 353 8.95 -11.42 4.65
C LEU B 353 8.62 -10.66 5.96
N LEU B 354 7.38 -10.78 6.43
CA LEU B 354 7.01 -10.08 7.65
C LEU B 354 7.89 -10.46 8.86
N PRO B 355 8.09 -11.75 9.14
CA PRO B 355 8.95 -12.08 10.29
C PRO B 355 10.43 -11.72 10.10
N ILE B 356 10.93 -11.86 8.87
CA ILE B 356 12.29 -11.43 8.53
C ILE B 356 12.47 -9.96 8.89
N LEU B 357 11.58 -9.13 8.37
CA LEU B 357 11.69 -7.71 8.56
C LEU B 357 11.36 -7.26 9.99
N ALA B 358 10.43 -7.94 10.66
CA ALA B 358 10.15 -7.63 12.06
C ALA B 358 11.39 -7.87 12.91
N CYS B 359 12.10 -8.97 12.64
CA CYS B 359 13.35 -9.26 13.36
C CYS B 359 14.41 -8.18 13.05
N LEU B 360 14.65 -7.90 11.77
CA LEU B 360 15.63 -6.87 11.41
C LEU B 360 15.27 -5.49 11.98
N ALA B 361 14.00 -5.10 11.87
CA ALA B 361 13.55 -3.83 12.43
C ALA B 361 13.71 -3.77 13.95
N THR B 362 13.51 -4.89 14.63
CA THR B 362 13.68 -4.90 16.09
C THR B 362 15.15 -4.63 16.45
N VAL B 363 16.05 -5.31 15.76
CA VAL B 363 17.49 -5.10 15.93
C VAL B 363 17.82 -3.63 15.71
N HIS B 364 17.30 -3.08 14.63
CA HIS B 364 17.57 -1.72 14.23
C HIS B 364 17.04 -0.71 15.25
N GLU B 365 15.78 -0.87 15.65
CA GLU B 365 15.12 0.04 16.60
C GLU B 365 15.75 -0.01 17.99
N LYS B 366 16.08 -1.21 18.48
CA LYS B 366 16.63 -1.33 19.81
C LYS B 366 18.13 -1.21 19.85
N LYS B 367 18.77 -1.15 18.69
CA LYS B 367 20.23 -1.16 18.60
C LYS B 367 20.81 -2.30 19.47
N THR B 368 20.20 -3.48 19.34
CA THR B 368 20.55 -4.66 20.13
C THR B 368 20.66 -5.85 19.17
N PRO B 369 21.63 -6.75 19.40
CA PRO B 369 21.78 -7.85 18.44
C PRO B 369 20.64 -8.85 18.53
N LEU B 370 20.39 -9.56 17.43
CA LEU B 370 19.27 -10.48 17.37
C LEU B 370 19.39 -11.61 18.40
N SER B 371 20.59 -12.09 18.68
CA SER B 371 20.73 -13.13 19.72
C SER B 371 20.15 -12.69 21.08
N THR B 372 20.36 -11.44 21.43
CA THR B 372 19.91 -10.94 22.73
C THR B 372 18.39 -10.85 22.69
N ILE B 373 17.87 -10.32 21.59
CA ILE B 373 16.43 -10.20 21.43
C ILE B 373 15.81 -11.59 21.56
N ALA B 374 16.41 -12.58 20.90
CA ALA B 374 15.84 -13.91 20.90
C ALA B 374 15.84 -14.48 22.33
N ARG B 375 16.97 -14.30 23.01
CA ARG B 375 17.14 -14.87 24.35
C ARG B 375 16.17 -14.24 25.38
N SER B 376 15.76 -13.00 25.14
CA SER B 376 14.86 -12.28 26.06
C SER B 376 13.52 -12.95 26.28
N TYR B 377 13.11 -13.83 25.36
CA TYR B 377 11.85 -14.55 25.50
C TYR B 377 11.92 -15.76 26.42
N GLY B 378 13.14 -16.22 26.75
CA GLY B 378 13.33 -17.35 27.67
C GLY B 378 12.63 -18.60 27.21
N PHE B 379 12.67 -18.88 25.91
CA PHE B 379 11.97 -20.05 25.40
C PHE B 379 12.56 -21.33 25.96
N ARG B 380 11.71 -22.33 26.17
CA ARG B 380 12.18 -23.66 26.48
C ARG B 380 13.06 -24.12 25.36
N VAL B 381 14.04 -24.96 25.70
CA VAL B 381 14.96 -25.48 24.69
C VAL B 381 14.18 -26.52 23.91
N ALA B 382 13.94 -26.21 22.64
CA ALA B 382 13.14 -27.06 21.76
C ALA B 382 13.93 -27.54 20.55
N LEU B 383 13.64 -28.77 20.10
CA LEU B 383 14.20 -29.31 18.87
C LEU B 383 13.09 -30.08 18.12
N SER B 384 13.26 -30.17 16.80
CA SER B 384 12.32 -30.93 16.00
C SER B 384 13.06 -31.59 14.81
N ASP B 385 12.57 -32.73 14.40
CA ASP B 385 13.16 -33.45 13.31
C ASP B 385 12.08 -34.38 12.76
N ARG B 386 12.43 -35.21 11.78
CA ARG B 386 11.48 -36.12 11.17
C ARG B 386 12.19 -37.33 10.58
N LEU B 387 11.47 -38.43 10.49
CA LEU B 387 11.97 -39.59 9.77
C LEU B 387 11.32 -39.53 8.41
N GLN B 388 12.10 -39.74 7.36
CA GLN B 388 11.59 -39.69 5.99
C GLN B 388 11.22 -41.06 5.49
N ASN B 389 10.44 -41.08 4.42
CA ASN B 389 9.95 -42.29 3.78
C ASN B 389 9.24 -43.24 4.74
N ILE B 390 8.34 -42.70 5.57
CA ILE B 390 7.53 -43.51 6.47
C ILE B 390 6.10 -43.51 5.94
N PRO B 391 5.63 -44.65 5.39
CA PRO B 391 4.25 -44.67 4.89
C PRO B 391 3.21 -44.31 5.94
N GLN B 392 2.09 -43.78 5.47
CA GLN B 392 0.98 -43.40 6.35
C GLN B 392 0.54 -44.55 7.26
N GLU B 393 0.47 -45.76 6.74
CA GLU B 393 -0.01 -46.90 7.53
C GLU B 393 0.95 -47.23 8.66
N ALA B 394 2.25 -47.05 8.39
CA ALA B 394 3.26 -47.34 9.40
C ALA B 394 3.23 -46.31 10.53
N SER B 395 3.11 -45.03 10.18
CA SER B 395 3.03 -43.99 11.21
C SER B 395 1.73 -44.09 12.00
N THR B 396 0.62 -44.37 11.32
CA THR B 396 -0.66 -44.64 12.00
C THR B 396 -0.53 -45.78 13.02
N ALA B 397 0.14 -46.87 12.63
CA ALA B 397 0.34 -47.99 13.56
C ALA B 397 1.18 -47.61 14.78
N PHE B 398 2.28 -46.91 14.54
CA PHE B 398 3.13 -46.46 15.61
C PHE B 398 2.36 -45.55 16.58
N LEU B 399 1.62 -44.58 16.06
CA LEU B 399 0.86 -43.67 16.91
C LEU B 399 -0.17 -44.41 17.75
N ALA B 400 -0.82 -45.44 17.16
CA ALA B 400 -1.78 -46.26 17.91
C ALA B 400 -1.13 -47.01 19.07
N LEU B 401 0.08 -47.50 18.83
CA LEU B 401 0.89 -48.20 19.82
C LEU B 401 1.01 -47.33 21.08
N LEU B 402 1.30 -46.04 20.87
CA LEU B 402 1.50 -45.08 21.94
C LEU B 402 0.27 -44.77 22.77
N GLU B 403 -0.91 -45.08 22.26
CA GLU B 403 -2.14 -44.93 23.04
C GLU B 403 -2.32 -46.03 24.10
N ASP B 404 -1.54 -47.10 24.01
CA ASP B 404 -1.61 -48.21 24.98
C ASP B 404 -0.64 -47.96 26.12
N ALA B 405 -1.16 -47.89 27.34
CA ALA B 405 -0.34 -47.56 28.52
C ALA B 405 0.83 -48.53 28.71
N ASP B 406 0.58 -49.82 28.49
CA ASP B 406 1.61 -50.85 28.61
C ASP B 406 2.71 -50.66 27.56
N LYS B 407 2.31 -50.45 26.29
CA LYS B 407 3.28 -50.24 25.21
C LYS B 407 4.13 -49.00 25.42
N ARG B 408 3.54 -47.92 25.91
CA ARG B 408 4.31 -46.69 26.19
C ARG B 408 5.44 -46.97 27.17
N ALA B 409 5.12 -47.72 28.23
CA ALA B 409 6.07 -48.01 29.30
C ALA B 409 7.19 -48.93 28.80
N SER B 410 6.84 -49.80 27.87
CA SER B 410 7.83 -50.65 27.26
C SER B 410 8.81 -49.88 26.39
N LEU B 411 8.34 -48.83 25.72
CA LEU B 411 9.16 -48.14 24.73
C LEU B 411 10.08 -47.09 25.35
N PHE B 412 9.65 -46.48 26.44
CA PHE B 412 10.41 -45.42 27.05
C PHE B 412 11.17 -45.86 28.30
N PRO B 413 12.31 -45.21 28.59
CA PRO B 413 13.09 -45.58 29.79
C PRO B 413 12.28 -45.44 31.08
N ALA B 414 12.54 -46.32 32.04
CA ALA B 414 11.76 -46.36 33.29
C ALA B 414 11.94 -45.16 34.24
N GLY B 415 13.09 -44.49 34.21
CA GLY B 415 13.38 -43.46 35.23
C GLY B 415 12.58 -42.15 35.18
N ASP B 416 11.92 -41.88 34.05
CA ASP B 416 11.18 -40.63 33.88
C ASP B 416 9.75 -40.96 33.48
N ALA B 417 8.83 -40.89 34.43
CA ALA B 417 7.47 -41.38 34.23
C ALA B 417 6.66 -40.46 33.32
N ILE B 418 5.81 -41.07 32.49
CA ILE B 418 4.87 -40.29 31.67
C ILE B 418 3.73 -39.89 32.57
N VAL B 419 3.46 -38.61 32.70
CA VAL B 419 2.40 -38.13 33.57
C VAL B 419 1.15 -37.63 32.82
N ARG B 420 1.26 -37.43 31.52
CA ARG B 420 0.11 -37.00 30.73
C ARG B 420 0.36 -37.32 29.25
N VAL B 421 -0.71 -37.69 28.56
CA VAL B 421 -0.67 -37.97 27.14
C VAL B 421 -1.80 -37.20 26.45
N GLU B 422 -1.51 -36.52 25.34
CA GLU B 422 -2.54 -35.83 24.58
C GLU B 422 -2.55 -36.38 23.17
N THR B 423 -3.74 -36.54 22.62
CA THR B 423 -3.92 -36.98 21.23
C THR B 423 -4.74 -35.98 20.40
N ILE B 424 -4.55 -34.69 20.68
CA ILE B 424 -5.20 -33.63 19.87
C ILE B 424 -4.69 -33.64 18.43
N ASP B 425 -3.38 -33.78 18.28
CA ASP B 425 -2.76 -33.79 16.97
C ASP B 425 -1.51 -34.67 17.07
N GLY B 426 -1.66 -35.92 16.70
CA GLY B 426 -0.67 -36.94 16.96
C GLY B 426 -0.70 -37.36 18.41
N VAL B 427 0.44 -37.68 18.98
CA VAL B 427 0.52 -38.13 20.34
C VAL B 427 1.65 -37.39 21.05
N LYS B 428 1.30 -36.63 22.08
CA LYS B 428 2.30 -35.90 22.86
C LYS B 428 2.40 -36.49 24.25
N LEU B 429 3.63 -36.81 24.65
CA LEU B 429 3.93 -37.45 25.92
C LEU B 429 4.62 -36.43 26.82
N PHE B 430 4.07 -36.23 28.01
CA PHE B 430 4.61 -35.28 28.95
C PHE B 430 5.22 -36.04 30.09
N PHE B 431 6.43 -35.68 30.49
CA PHE B 431 7.16 -36.44 31.50
C PHE B 431 7.25 -35.73 32.82
N GLN B 432 7.43 -36.52 33.88
CA GLN B 432 7.49 -35.96 35.21
C GLN B 432 8.70 -35.03 35.35
N SER B 433 9.76 -35.27 34.57
CA SER B 433 10.95 -34.41 34.57
C SER B 433 10.66 -33.03 34.01
N GLY B 434 9.61 -32.94 33.20
CA GLY B 434 9.27 -31.74 32.47
C GLY B 434 9.58 -31.85 30.99
N ASN B 435 10.30 -32.91 30.64
CA ASN B 435 10.50 -33.22 29.25
C ASN B 435 9.18 -33.51 28.55
N ALA B 436 9.17 -33.30 27.25
CA ALA B 436 8.01 -33.65 26.42
C ALA B 436 8.51 -34.16 25.06
N VAL B 437 7.83 -35.17 24.54
CA VAL B 437 8.12 -35.76 23.24
C VAL B 437 6.79 -35.86 22.51
N HIS B 438 6.72 -35.28 21.32
CA HIS B 438 5.50 -35.19 20.55
C HIS B 438 5.76 -35.84 19.19
N TYR B 439 4.95 -36.84 18.83
CA TYR B 439 5.02 -37.47 17.50
C TYR B 439 3.79 -37.12 16.67
N ARG B 440 3.98 -36.81 15.39
CA ARG B 440 2.89 -36.55 14.45
C ARG B 440 3.27 -37.14 13.09
N ALA B 441 2.30 -37.72 12.41
CA ALA B 441 2.46 -38.03 11.00
C ALA B 441 2.32 -36.72 10.26
N SER B 442 3.26 -36.41 9.39
CA SER B 442 3.08 -35.28 8.50
C SER B 442 1.87 -35.59 7.58
N GLY B 443 0.98 -34.63 7.43
CA GLY B 443 -0.11 -34.76 6.44
C GLY B 443 0.29 -34.38 5.01
N ASN B 444 1.51 -33.87 4.85
CA ASN B 444 1.96 -33.38 3.54
C ASN B 444 2.90 -34.31 2.78
N ALA B 445 3.41 -35.34 3.46
CA ALA B 445 4.37 -36.28 2.88
C ALA B 445 4.46 -37.50 3.79
N PRO B 446 5.02 -38.62 3.30
CA PRO B 446 5.17 -39.80 4.17
C PRO B 446 6.37 -39.63 5.11
N GLU B 447 6.12 -38.93 6.21
CA GLU B 447 7.17 -38.61 7.16
C GLU B 447 6.56 -38.64 8.56
N LEU B 448 7.34 -39.06 9.54
CA LEU B 448 6.94 -39.01 10.94
C LEU B 448 7.75 -37.93 11.65
N ARG B 449 7.05 -36.98 12.27
CA ARG B 449 7.67 -35.86 12.98
C ARG B 449 7.96 -36.24 14.42
N CYS B 450 9.08 -35.77 14.95
CA CYS B 450 9.37 -35.88 16.39
C CYS B 450 9.81 -34.53 16.92
N TYR B 451 9.00 -33.95 17.80
CA TYR B 451 9.31 -32.66 18.44
C TYR B 451 9.55 -32.86 19.93
N VAL B 452 10.57 -32.19 20.48
CA VAL B 452 10.88 -32.31 21.90
C VAL B 452 11.11 -30.94 22.56
N GLU B 453 10.87 -30.89 23.87
CA GLU B 453 11.31 -29.76 24.75
C GLU B 453 12.01 -30.33 25.98
N SER B 454 13.08 -29.66 26.40
CA SER B 454 13.79 -30.03 27.61
C SER B 454 14.45 -28.79 28.24
N SER B 455 15.32 -29.00 29.22
CA SER B 455 15.72 -27.93 30.13
C SER B 455 17.05 -27.27 29.70
N ASP B 456 17.82 -27.93 28.83
CA ASP B 456 19.04 -27.33 28.32
C ASP B 456 19.43 -28.02 27.01
N ASP B 457 20.45 -27.50 26.33
CA ASP B 457 20.86 -27.99 25.00
C ASP B 457 21.27 -29.46 25.01
N THR B 458 22.03 -29.86 26.03
CA THR B 458 22.45 -31.26 26.18
C THR B 458 21.27 -32.21 26.31
N GLN B 459 20.38 -31.91 27.24
CA GLN B 459 19.24 -32.78 27.51
C GLN B 459 18.31 -32.80 26.31
N ALA B 460 18.11 -31.64 25.67
CA ALA B 460 17.26 -31.57 24.46
C ALA B 460 17.82 -32.44 23.33
N ALA B 461 19.12 -32.35 23.08
CA ALA B 461 19.76 -33.17 22.03
C ALA B 461 19.59 -34.67 22.34
N LYS B 462 19.87 -35.08 23.58
CA LYS B 462 19.68 -36.47 24.00
C LYS B 462 18.24 -36.90 23.84
N LEU B 463 17.30 -36.03 24.25
CA LEU B 463 15.87 -36.32 24.15
C LEU B 463 15.41 -36.43 22.69
N GLN B 464 15.87 -35.53 21.82
CA GLN B 464 15.58 -35.63 20.38
C GLN B 464 16.10 -36.96 19.81
N ALA B 465 17.35 -37.31 20.12
CA ALA B 465 17.91 -38.56 19.66
C ALA B 465 17.10 -39.76 20.17
N LEU B 466 16.73 -39.74 21.45
CA LEU B 466 15.95 -40.84 22.03
C LEU B 466 14.59 -41.00 21.34
N GLY B 467 13.95 -39.87 21.09
CA GLY B 467 12.61 -39.88 20.49
C GLY B 467 12.63 -40.46 19.10
N LEU B 468 13.66 -40.08 18.34
CA LEU B 468 13.80 -40.58 17.00
C LEU B 468 14.18 -42.06 17.00
N GLU B 469 15.03 -42.48 17.94
CA GLU B 469 15.43 -43.88 17.99
C GLU B 469 14.28 -44.81 18.40
N ILE B 470 13.47 -44.39 19.37
CA ILE B 470 12.28 -45.15 19.78
C ILE B 470 11.34 -45.37 18.59
N ALA B 471 11.08 -44.32 17.82
CA ALA B 471 10.25 -44.43 16.63
C ALA B 471 10.90 -45.34 15.57
N ARG B 472 12.17 -45.11 15.27
CA ARG B 472 12.91 -45.93 14.32
C ARG B 472 12.80 -47.42 14.68
N LYS B 473 13.10 -47.75 15.94
CA LYS B 473 13.08 -49.15 16.40
C LYS B 473 11.69 -49.77 16.28
N ALA B 474 10.66 -49.03 16.75
CA ALA B 474 9.29 -49.54 16.70
C ALA B 474 8.85 -49.70 15.25
N LEU B 475 9.26 -48.79 14.39
CA LEU B 475 8.84 -48.85 12.98
C LEU B 475 9.52 -50.04 12.27
N LYS B 476 10.80 -50.28 12.57
CA LYS B 476 11.54 -51.43 12.02
C LYS B 476 10.98 -52.77 12.57
N ASP B 477 10.64 -52.81 13.86
CA ASP B 477 10.08 -54.03 14.49
C ASP B 477 8.73 -54.45 13.91
N ALA B 478 7.87 -53.46 13.64
CA ALA B 478 6.56 -53.75 13.04
C ALA B 478 6.68 -54.17 11.57
N THR B 479 7.83 -53.85 10.95
CA THR B 479 8.12 -54.10 9.54
C THR B 479 9.14 -55.22 9.37
#